data_2TRS
#
_entry.id   2TRS
#
_cell.length_a   184.200
_cell.length_b   61.300
_cell.length_c   67.900
_cell.angle_alpha   90.00
_cell.angle_beta   94.50
_cell.angle_gamma   90.00
#
_symmetry.space_group_name_H-M   'C 1 2 1'
#
loop_
_entity.id
_entity.type
_entity.pdbx_description
1 polymer 'TRYPTOPHAN SYNTHASE'
2 polymer 'TRYPTOPHAN SYNTHASE'
3 non-polymer 'INDOLE-3-PROPANOL PHOSPHATE'
4 non-polymer 'SODIUM ION'
5 non-polymer [3-HYDROXY-2-METHYL-5-PHOSPHONOOXYMETHYL-PYRIDIN-4-YLMETHYL]-SERINE
6 water water
#
loop_
_entity_poly.entity_id
_entity_poly.type
_entity_poly.pdbx_seq_one_letter_code
_entity_poly.pdbx_strand_id
1 'polypeptide(L)'
;MERYENLFAQLNDRREGAFVPFVTLGDPGIEQSLKIIDTLIDAGADALELGVPFSDPLADGPTIQNANLRAFAAGVTPAQ
CFEMLALIREKHPTIPIGLLMYANLVFNNGIDAFYARCEQVGVDSVLVADVPVEESAPFRQAALRHNIAPIFICPPNADD
DLLRQVASYGRGYTYLLSRSGVTGAENRGALPLHHLIEKLKEYHAAPALQGFGISSPEQVSAAVRAGAAGAISGSAIVKI
IEKNLASPKQMLAELRSFVSAMKAASRA
;
A
2 'polypeptide(L)'
;MTTLLNPYFGEFGGMYVPQILMPALNQLEEAFVRAQKDPEFQAQFADLLKNYAGRPTALTKCQNITAGTRTTLYLKREDL
LHGGAHTTNQVLGQALLAKRMGKSEIIAETGAGQHGVASALASALLGLKCRIYMGAKDVERQSPNVFRMRLMGAEVIPVH
SGSATLKDACNEALRDWSGSYETAHYMLGTAAGPHPYPTIVREFQRMIGEETKAQILDKEGRLPDAVIACVGGGSNAIGM
FADFINDTSVGLIGVEPGGHGIETGEHGAPLKHGRVGIYFGMKAPMMQTADGQIEESYSISAGLDFPSVGPQHAYLNSIG
RADYVSITDDEALEAFKTLCRHEGIIPALESSHALAHALKMMREQPEKEQLLVVNLSGRGDKDIFTVHDILKARGLI
;
B
#
loop_
_chem_comp.id
_chem_comp.type
_chem_comp.name
_chem_comp.formula
IPL non-polymer 'INDOLE-3-PROPANOL PHOSPHATE' 'C11 H14 N O4 P'
NA non-polymer 'SODIUM ION' 'Na 1'
PLS non-polymer [3-HYDROXY-2-METHYL-5-PHOSPHONOOXYMETHYL-PYRIDIN-4-YLMETHYL]-SERINE 'C11 H17 N2 O8 P'
#
# COMPACT_ATOMS: atom_id res chain seq x y z
N MET A 1 11.66 5.89 27.65
CA MET A 1 11.38 4.83 28.61
C MET A 1 10.58 5.21 29.87
N GLU A 2 11.26 5.63 30.94
CA GLU A 2 10.74 5.84 32.28
C GLU A 2 9.51 6.68 32.59
N ARG A 3 9.33 7.83 31.95
CA ARG A 3 8.22 8.73 32.26
C ARG A 3 6.87 8.06 32.42
N TYR A 4 6.63 6.99 31.65
CA TYR A 4 5.36 6.26 31.68
C TYR A 4 5.18 5.57 33.00
N GLU A 5 6.20 4.86 33.50
CA GLU A 5 6.16 4.15 34.77
C GLU A 5 5.67 5.08 35.87
N ASN A 6 6.28 6.27 35.97
CA ASN A 6 5.86 7.25 36.96
C ASN A 6 4.43 7.67 36.76
N LEU A 7 4.00 7.99 35.55
CA LEU A 7 2.65 8.42 35.33
C LEU A 7 1.62 7.41 35.78
N PHE A 8 1.77 6.15 35.39
CA PHE A 8 0.80 5.14 35.73
C PHE A 8 0.90 4.86 37.22
N ALA A 9 2.10 4.81 37.79
CA ALA A 9 2.30 4.64 39.22
C ALA A 9 1.68 5.78 40.05
N GLN A 10 1.78 7.04 39.64
CA GLN A 10 1.20 8.12 40.42
C GLN A 10 -0.28 8.27 40.13
N LEU A 11 -0.71 7.92 38.92
CA LEU A 11 -2.12 7.94 38.58
C LEU A 11 -2.84 6.90 39.43
N ASN A 12 -2.16 5.79 39.63
CA ASN A 12 -2.60 4.68 40.46
C ASN A 12 -3.02 5.19 41.81
N ASP A 13 -2.15 5.87 42.55
CA ASP A 13 -2.50 6.44 43.83
C ASP A 13 -3.65 7.44 43.72
N ARG A 14 -3.70 8.28 42.70
CA ARG A 14 -4.81 9.22 42.54
C ARG A 14 -6.10 8.54 42.18
N ARG A 15 -6.09 7.25 41.87
CA ARG A 15 -7.23 6.48 41.39
C ARG A 15 -7.99 7.24 40.30
N GLU A 16 -7.10 7.67 39.39
CA GLU A 16 -7.46 8.43 38.22
C GLU A 16 -7.12 7.53 37.06
N GLY A 17 -7.55 7.96 35.88
CA GLY A 17 -7.20 7.26 34.67
C GLY A 17 -6.41 8.25 33.83
N ALA A 18 -5.58 7.81 32.88
CA ALA A 18 -4.84 8.74 32.04
C ALA A 18 -5.67 9.24 30.87
N PHE A 19 -5.49 10.51 30.55
CA PHE A 19 -6.12 11.05 29.37
C PHE A 19 -5.00 11.66 28.54
N VAL A 20 -4.70 10.92 27.47
CA VAL A 20 -3.69 11.22 26.46
C VAL A 20 -4.40 11.81 25.25
N PRO A 21 -4.33 13.09 24.90
CA PRO A 21 -4.78 13.62 23.62
C PRO A 21 -3.85 13.22 22.48
N PHE A 22 -4.33 13.19 21.25
CA PHE A 22 -3.49 12.92 20.11
C PHE A 22 -3.52 14.20 19.26
N VAL A 23 -2.40 14.76 18.73
CA VAL A 23 -2.41 15.91 17.83
C VAL A 23 -1.28 15.73 16.80
N THR A 24 -1.51 16.22 15.60
CA THR A 24 -0.53 16.16 14.55
C THR A 24 0.35 17.37 14.80
N LEU A 25 1.65 17.13 14.76
CA LEU A 25 2.64 18.18 14.92
C LEU A 25 2.51 19.06 13.69
N GLY A 26 2.38 20.38 13.82
CA GLY A 26 2.38 21.25 12.66
C GLY A 26 1.01 21.74 12.21
N ASP A 27 -0.07 21.07 12.58
CA ASP A 27 -1.39 21.45 12.14
C ASP A 27 -1.97 22.56 13.04
N PRO A 28 -2.33 23.77 12.61
CA PRO A 28 -2.11 24.33 11.26
C PRO A 28 -0.83 25.09 10.95
N GLY A 29 -0.01 25.28 11.96
CA GLY A 29 1.23 26.04 11.81
C GLY A 29 2.03 25.70 13.04
N ILE A 30 3.33 25.95 12.95
CA ILE A 30 4.24 25.59 14.01
C ILE A 30 3.90 26.21 15.35
N GLU A 31 3.88 27.53 15.34
CA GLU A 31 3.69 28.32 16.55
C GLU A 31 2.38 27.98 17.22
N GLN A 32 1.39 27.76 16.38
CA GLN A 32 0.04 27.56 16.85
C GLN A 32 -0.16 26.12 17.21
N SER A 33 0.60 25.18 16.68
CA SER A 33 0.48 23.81 17.14
C SER A 33 1.08 23.80 18.55
N LEU A 34 2.23 24.46 18.72
CA LEU A 34 2.91 24.55 20.01
C LEU A 34 2.00 25.17 21.05
N LYS A 35 1.21 26.20 20.75
CA LYS A 35 0.28 26.71 21.74
C LYS A 35 -0.84 25.70 22.02
N ILE A 36 -1.19 24.83 21.07
CA ILE A 36 -2.22 23.84 21.34
C ILE A 36 -1.70 22.81 22.34
N ILE A 37 -0.46 22.34 22.22
CA ILE A 37 0.07 21.36 23.16
C ILE A 37 0.26 22.01 24.52
N ASP A 38 0.60 23.29 24.68
CA ASP A 38 0.69 23.80 26.03
C ASP A 38 -0.72 23.90 26.58
N THR A 39 -1.72 24.42 25.87
CA THR A 39 -3.12 24.45 26.33
C THR A 39 -3.71 23.10 26.75
N LEU A 40 -3.29 22.02 26.11
CA LEU A 40 -3.71 20.65 26.40
C LEU A 40 -3.23 20.15 27.76
N ILE A 41 -1.93 20.42 27.96
CA ILE A 41 -1.20 20.03 29.16
C ILE A 41 -1.79 20.78 30.34
N ASP A 42 -1.87 22.10 30.16
CA ASP A 42 -2.38 23.02 31.17
C ASP A 42 -3.86 22.77 31.38
N ALA A 43 -4.53 21.99 30.52
CA ALA A 43 -5.92 21.68 30.74
C ALA A 43 -6.08 20.29 31.33
N GLY A 44 -5.03 19.48 31.50
CA GLY A 44 -5.22 18.18 32.13
C GLY A 44 -4.74 16.96 31.37
N ALA A 45 -4.03 17.12 30.27
CA ALA A 45 -3.55 15.99 29.52
C ALA A 45 -2.44 15.26 30.27
N ASP A 46 -2.63 14.00 30.59
CA ASP A 46 -1.62 13.23 31.32
C ASP A 46 -0.34 12.89 30.59
N ALA A 47 -0.45 12.68 29.27
CA ALA A 47 0.63 12.32 28.36
C ALA A 47 0.15 12.81 27.00
N LEU A 48 1.09 12.85 26.07
CA LEU A 48 0.80 13.28 24.73
C LEU A 48 1.09 12.14 23.78
N GLU A 49 0.28 12.06 22.71
CA GLU A 49 0.52 11.16 21.58
C GLU A 49 0.66 12.11 20.40
N LEU A 50 1.79 12.19 19.71
CA LEU A 50 1.93 13.18 18.67
C LEU A 50 2.14 12.51 17.32
N GLY A 51 1.55 13.00 16.24
CA GLY A 51 1.74 12.34 14.96
C GLY A 51 2.66 13.23 14.14
N VAL A 52 3.62 12.68 13.39
CA VAL A 52 4.43 13.46 12.45
C VAL A 52 3.70 13.31 11.08
N PRO A 53 3.57 14.36 10.26
CA PRO A 53 2.92 14.28 8.96
C PRO A 53 3.51 13.30 7.98
N PHE A 54 2.74 12.27 7.62
CA PHE A 54 3.12 11.34 6.56
C PHE A 54 2.18 11.59 5.35
N SER A 55 2.70 11.49 4.14
CA SER A 55 1.85 11.64 2.99
C SER A 55 0.77 10.56 2.88
N ASP A 56 1.01 9.29 3.19
CA ASP A 56 0.04 8.26 2.90
C ASP A 56 -0.49 7.54 4.09
N PRO A 57 -1.22 8.21 4.99
CA PRO A 57 -1.72 7.66 6.23
C PRO A 57 -2.60 6.45 6.04
N LEU A 58 -2.10 5.25 5.75
CA LEU A 58 -2.93 4.06 5.67
C LEU A 58 -3.96 3.78 6.78
N ALA A 59 -3.70 4.12 8.06
CA ALA A 59 -4.59 3.83 9.18
C ALA A 59 -5.37 5.02 9.72
N ASP A 60 -5.33 6.09 8.94
CA ASP A 60 -5.95 7.30 9.34
C ASP A 60 -7.01 7.76 8.39
N GLY A 61 -8.19 7.84 8.97
CA GLY A 61 -9.30 8.35 8.25
C GLY A 61 -9.19 9.87 8.20
N PRO A 62 -10.29 10.50 7.81
CA PRO A 62 -10.29 11.81 7.14
C PRO A 62 -9.81 13.00 7.96
N THR A 63 -10.16 13.15 9.24
CA THR A 63 -9.78 14.32 10.03
C THR A 63 -8.26 14.47 10.17
N ILE A 64 -7.66 13.31 10.41
CA ILE A 64 -6.23 13.22 10.58
C ILE A 64 -5.59 13.35 9.22
N GLN A 65 -6.22 12.84 8.17
CA GLN A 65 -5.72 13.06 6.83
C GLN A 65 -5.76 14.55 6.54
N ASN A 66 -6.79 15.28 6.93
CA ASN A 66 -6.87 16.70 6.65
C ASN A 66 -5.83 17.44 7.49
N ALA A 67 -5.68 16.96 8.75
CA ALA A 67 -4.72 17.45 9.72
C ALA A 67 -3.32 17.37 9.10
N ASN A 68 -2.96 16.23 8.52
CA ASN A 68 -1.68 16.09 7.86
C ASN A 68 -1.56 17.07 6.74
N LEU A 69 -2.63 17.21 5.95
CA LEU A 69 -2.60 18.13 4.85
C LEU A 69 -2.33 19.54 5.30
N ARG A 70 -2.88 19.85 6.48
CA ARG A 70 -2.70 21.14 7.11
C ARG A 70 -1.22 21.37 7.46
N ALA A 71 -0.51 20.46 8.15
CA ALA A 71 0.90 20.70 8.49
C ALA A 71 1.75 20.81 7.26
N PHE A 72 1.39 20.00 6.26
CA PHE A 72 2.04 20.01 4.97
C PHE A 72 1.90 21.37 4.26
N ALA A 73 0.75 22.05 4.34
CA ALA A 73 0.62 23.41 3.83
C ALA A 73 1.43 24.41 4.67
N ALA A 74 1.47 24.15 6.00
CA ALA A 74 2.26 24.90 6.95
C ALA A 74 3.75 24.70 6.76
N GLY A 75 4.20 23.67 6.06
CA GLY A 75 5.62 23.47 5.76
C GLY A 75 6.39 22.60 6.75
N VAL A 76 5.66 21.89 7.59
CA VAL A 76 6.25 21.14 8.65
C VAL A 76 6.91 19.91 8.12
N THR A 77 8.23 19.87 8.07
CA THR A 77 8.93 18.65 7.68
C THR A 77 9.18 17.77 8.90
N PRO A 78 9.43 16.45 8.82
CA PRO A 78 10.16 15.64 9.80
C PRO A 78 11.17 16.34 10.69
N ALA A 79 12.09 17.11 10.12
CA ALA A 79 13.05 17.83 10.90
C ALA A 79 12.43 18.98 11.69
N GLN A 80 11.48 19.76 11.16
CA GLN A 80 10.86 20.78 11.99
C GLN A 80 9.99 20.12 13.07
N CYS A 81 9.58 18.86 12.94
CA CYS A 81 8.85 18.16 13.99
C CYS A 81 9.77 17.95 15.15
N PHE A 82 10.93 17.34 14.90
CA PHE A 82 11.97 17.11 15.90
C PHE A 82 12.43 18.37 16.61
N GLU A 83 12.44 19.46 15.86
CA GLU A 83 12.72 20.77 16.38
C GLU A 83 11.62 21.20 17.35
N MET A 84 10.35 20.93 17.06
CA MET A 84 9.25 21.25 17.95
C MET A 84 9.31 20.33 19.17
N LEU A 85 9.55 19.04 18.98
CA LEU A 85 9.64 18.06 20.04
C LEU A 85 10.67 18.40 21.10
N ALA A 86 11.88 18.87 20.73
CA ALA A 86 12.89 19.25 21.71
C ALA A 86 12.48 20.50 22.49
N LEU A 87 11.67 21.36 21.86
CA LEU A 87 11.11 22.53 22.50
C LEU A 87 10.01 22.18 23.49
N ILE A 88 9.20 21.18 23.19
CA ILE A 88 8.12 20.76 24.07
C ILE A 88 8.78 20.23 25.31
N ARG A 89 9.69 19.27 25.16
CA ARG A 89 10.41 18.66 26.25
C ARG A 89 11.15 19.73 27.05
N GLU A 90 11.82 20.69 26.43
CA GLU A 90 12.57 21.72 27.12
C GLU A 90 11.70 22.50 28.07
N LYS A 91 10.39 22.53 27.88
CA LYS A 91 9.57 23.27 28.80
C LYS A 91 8.59 22.35 29.54
N HIS A 92 8.45 21.07 29.27
CA HIS A 92 7.55 20.20 29.97
C HIS A 92 8.34 18.94 30.18
N PRO A 93 9.24 18.91 31.19
CA PRO A 93 10.24 17.88 31.39
C PRO A 93 9.79 16.50 31.84
N THR A 94 8.51 16.39 32.15
CA THR A 94 8.00 15.21 32.79
C THR A 94 6.89 14.44 32.09
N ILE A 95 6.09 15.20 31.32
CA ILE A 95 4.93 14.60 30.64
C ILE A 95 5.45 13.57 29.67
N PRO A 96 4.96 12.33 29.60
CA PRO A 96 5.41 11.37 28.59
C PRO A 96 4.89 11.77 27.19
N ILE A 97 5.83 11.82 26.20
CA ILE A 97 5.58 12.05 24.77
C ILE A 97 5.70 10.73 24.01
N GLY A 98 4.67 10.28 23.32
CA GLY A 98 4.77 9.10 22.46
C GLY A 98 4.60 9.64 21.04
N LEU A 99 5.25 9.04 20.03
CA LEU A 99 5.16 9.45 18.63
C LEU A 99 4.37 8.41 17.89
N LEU A 100 3.44 8.85 17.06
CA LEU A 100 2.70 7.93 16.22
C LEU A 100 3.35 8.02 14.83
N MET A 101 4.04 6.94 14.42
CA MET A 101 4.74 6.93 13.15
C MET A 101 4.25 5.93 12.09
N TYR A 102 4.69 6.17 10.85
CA TYR A 102 4.52 5.26 9.74
C TYR A 102 5.91 4.87 9.39
N ALA A 103 6.00 3.66 8.88
CA ALA A 103 7.23 2.94 8.72
C ALA A 103 8.30 3.54 7.84
N ASN A 104 7.93 4.24 6.80
CA ASN A 104 8.92 4.72 5.84
C ASN A 104 9.64 5.88 6.47
N LEU A 105 8.93 6.76 7.16
CA LEU A 105 9.50 7.87 7.90
C LEU A 105 10.58 7.45 8.91
N VAL A 106 10.43 6.27 9.53
CA VAL A 106 11.39 5.70 10.47
C VAL A 106 12.57 5.09 9.67
N PHE A 107 12.24 4.37 8.57
CA PHE A 107 13.23 3.66 7.74
C PHE A 107 14.16 4.53 6.89
N ASN A 108 13.68 5.71 6.48
CA ASN A 108 14.34 6.65 5.60
C ASN A 108 15.83 6.76 5.74
N ASN A 109 16.33 7.27 6.86
CA ASN A 109 17.77 7.40 6.98
C ASN A 109 18.40 6.46 7.98
N GLY A 110 17.73 5.33 8.13
CA GLY A 110 18.19 4.34 9.06
C GLY A 110 17.27 4.35 10.27
N ILE A 111 16.87 3.12 10.58
CA ILE A 111 15.99 2.82 11.70
C ILE A 111 16.67 3.29 12.99
N ASP A 112 17.92 2.87 13.18
CA ASP A 112 18.66 3.20 14.38
C ASP A 112 18.91 4.70 14.48
N ALA A 113 19.19 5.34 13.36
CA ALA A 113 19.38 6.76 13.38
C ALA A 113 18.12 7.44 13.81
N PHE A 114 16.95 6.91 13.45
CA PHE A 114 15.70 7.53 13.85
C PHE A 114 15.54 7.42 15.38
N TYR A 115 15.80 6.26 15.96
CA TYR A 115 15.58 6.08 17.37
C TYR A 115 16.55 6.90 18.17
N ALA A 116 17.71 7.12 17.59
CA ALA A 116 18.73 7.97 18.16
C ALA A 116 18.30 9.43 18.23
N ARG A 117 17.63 10.03 17.26
CA ARG A 117 17.27 11.42 17.39
C ARG A 117 16.09 11.49 18.31
N CYS A 118 15.31 10.41 18.40
CA CYS A 118 14.18 10.36 19.32
C CYS A 118 14.71 10.47 20.75
N GLU A 119 15.72 9.66 21.07
CA GLU A 119 16.39 9.67 22.35
C GLU A 119 17.02 11.04 22.58
N GLN A 120 17.77 11.59 21.65
CA GLN A 120 18.34 12.91 21.73
C GLN A 120 17.31 14.01 22.02
N VAL A 121 16.10 13.92 21.49
CA VAL A 121 15.07 14.95 21.66
C VAL A 121 14.21 14.76 22.94
N GLY A 122 14.22 13.54 23.50
CA GLY A 122 13.54 13.24 24.74
C GLY A 122 12.16 12.71 24.55
N VAL A 123 12.03 11.83 23.56
CA VAL A 123 10.75 11.22 23.28
C VAL A 123 10.78 9.92 24.02
N ASP A 124 9.62 9.43 24.52
CA ASP A 124 9.56 8.23 25.35
C ASP A 124 9.21 6.91 24.70
N SER A 125 8.21 6.96 23.81
CA SER A 125 7.78 5.78 23.07
C SER A 125 7.53 6.09 21.60
N VAL A 126 7.60 5.09 20.74
CA VAL A 126 7.25 5.27 19.34
C VAL A 126 6.30 4.13 18.96
N LEU A 127 5.17 4.43 18.34
CA LEU A 127 4.25 3.41 17.83
C LEU A 127 4.40 3.47 16.32
N VAL A 128 4.82 2.38 15.69
CA VAL A 128 4.82 2.39 14.23
C VAL A 128 3.59 1.61 13.78
N ALA A 129 2.68 2.45 13.24
CA ALA A 129 1.32 2.07 12.87
C ALA A 129 1.23 0.92 11.89
N ASP A 130 2.22 0.76 11.03
CA ASP A 130 2.17 -0.28 10.05
C ASP A 130 3.22 -1.33 10.16
N VAL A 131 3.81 -1.53 11.34
CA VAL A 131 4.78 -2.60 11.51
C VAL A 131 4.15 -3.52 12.56
N PRO A 132 3.63 -4.70 12.14
CA PRO A 132 3.00 -5.66 13.01
C PRO A 132 4.06 -6.37 13.83
N VAL A 133 3.67 -7.12 14.85
CA VAL A 133 4.66 -7.72 15.72
C VAL A 133 5.58 -8.65 15.00
N GLU A 134 5.06 -9.24 13.92
CA GLU A 134 5.88 -10.19 13.22
C GLU A 134 6.92 -9.57 12.33
N GLU A 135 6.87 -8.27 12.04
CA GLU A 135 7.93 -7.59 11.27
C GLU A 135 8.70 -6.62 12.19
N SER A 136 8.50 -6.59 13.52
CA SER A 136 8.98 -5.52 14.41
C SER A 136 10.44 -5.55 14.83
N ALA A 137 11.06 -6.70 14.77
CA ALA A 137 12.38 -6.94 15.28
C ALA A 137 13.39 -5.85 15.09
N PRO A 138 13.83 -5.32 13.93
CA PRO A 138 14.78 -4.22 13.89
C PRO A 138 14.30 -2.94 14.48
N PHE A 139 12.99 -2.81 14.55
CA PHE A 139 12.43 -1.60 15.10
C PHE A 139 12.45 -1.64 16.62
N ARG A 140 12.11 -2.80 17.21
CA ARG A 140 12.04 -2.92 18.65
C ARG A 140 13.47 -3.02 19.14
N GLN A 141 14.35 -3.83 18.55
CA GLN A 141 15.75 -3.83 18.93
C GLN A 141 16.32 -2.41 18.82
N ALA A 142 16.22 -1.61 17.78
CA ALA A 142 16.74 -0.24 17.79
C ALA A 142 16.16 0.66 18.89
N ALA A 143 14.92 0.48 19.33
CA ALA A 143 14.28 1.35 20.33
C ALA A 143 14.77 1.05 21.76
N LEU A 144 14.95 -0.23 22.02
CA LEU A 144 15.45 -0.71 23.28
C LEU A 144 16.86 -0.16 23.38
N ARG A 145 17.74 -0.33 22.38
CA ARG A 145 19.06 0.31 22.33
C ARG A 145 19.05 1.80 22.60
N HIS A 146 18.01 2.61 22.37
CA HIS A 146 18.06 4.05 22.65
C HIS A 146 17.03 4.42 23.71
N ASN A 147 16.58 3.44 24.52
CA ASN A 147 15.73 3.68 25.68
C ASN A 147 14.45 4.40 25.28
N ILE A 148 13.92 3.84 24.20
CA ILE A 148 12.69 4.28 23.61
C ILE A 148 11.78 3.05 23.73
N ALA A 149 10.60 3.35 24.25
CA ALA A 149 9.60 2.32 24.47
C ALA A 149 8.92 1.97 23.15
N PRO A 150 9.02 0.71 22.71
CA PRO A 150 8.37 0.20 21.52
C PRO A 150 6.88 -0.02 21.70
N ILE A 151 5.93 0.84 21.28
CA ILE A 151 4.49 0.60 21.49
C ILE A 151 3.84 -0.34 20.45
N PHE A 152 3.01 -1.34 20.82
CA PHE A 152 2.34 -2.26 19.93
C PHE A 152 0.82 -2.17 20.02
N ILE A 153 0.09 -2.52 18.95
CA ILE A 153 -1.37 -2.52 19.00
C ILE A 153 -1.85 -3.93 19.23
N CYS A 154 -2.88 -4.01 20.07
CA CYS A 154 -3.57 -5.26 20.37
C CYS A 154 -4.98 -5.02 19.83
N PRO A 155 -5.37 -5.63 18.70
CA PRO A 155 -6.67 -5.38 18.07
C PRO A 155 -7.81 -6.25 18.63
N PRO A 156 -9.08 -5.91 18.42
CA PRO A 156 -10.24 -6.73 18.72
C PRO A 156 -10.10 -8.19 18.38
N ASN A 157 -9.59 -8.47 17.20
CA ASN A 157 -9.43 -9.84 16.73
C ASN A 157 -8.09 -10.45 17.14
N ALA A 158 -7.73 -10.34 18.43
CA ALA A 158 -6.44 -10.85 18.93
C ALA A 158 -6.57 -12.26 19.48
N ASP A 159 -5.53 -13.04 19.28
CA ASP A 159 -5.51 -14.38 19.78
C ASP A 159 -4.42 -14.47 20.85
N ASP A 160 -4.26 -15.64 21.49
CA ASP A 160 -3.30 -15.84 22.55
C ASP A 160 -1.88 -15.56 22.14
N ASP A 161 -1.41 -16.21 21.07
CA ASP A 161 -0.04 -16.08 20.60
C ASP A 161 0.36 -14.65 20.41
N LEU A 162 -0.53 -13.89 19.79
CA LEU A 162 -0.30 -12.47 19.67
C LEU A 162 -0.27 -11.81 21.06
N LEU A 163 -1.29 -11.95 21.93
CA LEU A 163 -1.32 -11.35 23.26
C LEU A 163 -0.08 -11.60 24.13
N ARG A 164 0.48 -12.81 24.04
CA ARG A 164 1.70 -13.09 24.75
C ARG A 164 2.78 -12.34 23.97
N GLN A 165 2.92 -12.36 22.64
CA GLN A 165 3.96 -11.57 21.95
C GLN A 165 4.00 -10.08 22.27
N VAL A 166 2.88 -9.38 22.10
CA VAL A 166 2.81 -7.96 22.42
C VAL A 166 3.06 -7.72 23.92
N ALA A 167 2.69 -8.66 24.82
CA ALA A 167 3.01 -8.53 26.23
C ALA A 167 4.52 -8.65 26.46
N SER A 168 5.23 -9.60 25.81
CA SER A 168 6.67 -9.72 25.86
C SER A 168 7.45 -8.62 25.15
N TYR A 169 6.87 -7.91 24.17
CA TYR A 169 7.67 -6.98 23.41
C TYR A 169 7.52 -5.54 23.69
N GLY A 170 6.29 -5.17 24.02
CA GLY A 170 5.96 -3.79 24.25
C GLY A 170 6.47 -3.36 25.62
N ARG A 171 6.48 -2.05 25.81
CA ARG A 171 6.96 -1.41 27.02
C ARG A 171 6.22 -0.09 27.04
N GLY A 172 6.18 0.65 28.15
CA GLY A 172 5.47 1.92 28.21
C GLY A 172 3.96 1.70 28.43
N TYR A 173 3.23 1.31 27.39
CA TYR A 173 1.82 1.04 27.51
C TYR A 173 1.45 0.13 26.34
N THR A 174 0.24 -0.42 26.32
CA THR A 174 -0.20 -1.27 25.24
C THR A 174 -1.31 -0.48 24.57
N TYR A 175 -1.38 -0.39 23.23
CA TYR A 175 -2.47 0.34 22.58
C TYR A 175 -3.51 -0.75 22.38
N LEU A 176 -4.68 -0.62 23.02
CA LEU A 176 -5.71 -1.64 22.89
C LEU A 176 -6.75 -1.06 21.95
N LEU A 177 -7.07 -1.78 20.87
CA LEU A 177 -7.95 -1.26 19.85
C LEU A 177 -9.40 -1.59 20.15
N SER A 178 -10.15 -0.51 20.28
CA SER A 178 -11.54 -0.70 20.57
C SER A 178 -12.35 -0.25 19.35
N ARG A 179 -12.28 -1.08 18.28
CA ARG A 179 -13.04 -1.07 17.02
C ARG A 179 -12.15 -1.61 15.90
N SER A 180 -12.50 -1.34 14.65
CA SER A 180 -11.72 -1.70 13.48
C SER A 180 -11.81 -0.50 12.54
N GLY A 181 -10.97 -0.42 11.53
CA GLY A 181 -11.07 0.68 10.59
C GLY A 181 -9.88 1.59 10.71
N VAL A 182 -10.19 2.84 10.37
CA VAL A 182 -9.22 3.92 10.32
C VAL A 182 -9.81 5.04 11.17
N THR A 183 -8.93 5.88 11.75
CA THR A 183 -9.31 6.93 12.69
C THR A 183 -10.50 7.87 12.36
N GLY A 184 -11.41 8.14 13.31
CA GLY A 184 -12.49 9.08 13.05
C GLY A 184 -13.30 9.30 14.32
N ALA A 185 -14.01 10.44 14.39
CA ALA A 185 -14.87 10.78 15.53
C ALA A 185 -16.31 10.36 15.27
N GLU A 186 -16.40 9.19 14.69
CA GLU A 186 -17.61 8.55 14.22
C GLU A 186 -17.12 7.11 14.14
N ASN A 187 -18.07 6.14 14.21
CA ASN A 187 -17.78 4.72 14.18
C ASN A 187 -17.09 4.45 15.55
N HIS A 194 -13.12 -6.05 27.65
CA HIS A 194 -12.80 -6.45 29.02
C HIS A 194 -12.03 -7.77 29.10
N HIS A 195 -12.46 -8.83 28.42
CA HIS A 195 -11.78 -10.14 28.42
C HIS A 195 -10.29 -10.12 28.05
N LEU A 196 -9.97 -9.30 27.05
CA LEU A 196 -8.61 -9.12 26.56
C LEU A 196 -7.71 -8.51 27.65
N ILE A 197 -8.25 -7.54 28.41
CA ILE A 197 -7.48 -6.79 29.42
C ILE A 197 -6.99 -7.71 30.53
N GLU A 198 -7.83 -8.64 30.98
CA GLU A 198 -7.44 -9.56 32.04
C GLU A 198 -6.29 -10.43 31.54
N LYS A 199 -6.44 -10.94 30.32
CA LYS A 199 -5.42 -11.79 29.73
C LYS A 199 -4.12 -11.03 29.61
N LEU A 200 -4.18 -9.75 29.28
CA LEU A 200 -2.99 -8.91 29.23
C LEU A 200 -2.33 -8.80 30.59
N LYS A 201 -3.15 -8.56 31.61
CA LYS A 201 -2.68 -8.43 32.99
C LYS A 201 -2.18 -9.74 33.58
N GLU A 202 -2.62 -10.86 33.01
CA GLU A 202 -2.12 -12.18 33.35
C GLU A 202 -0.69 -12.39 32.82
N TYR A 203 -0.46 -11.89 31.58
CA TYR A 203 0.83 -11.95 30.89
C TYR A 203 1.86 -10.94 31.31
N HIS A 204 1.32 -9.95 32.01
CA HIS A 204 2.02 -8.86 32.67
C HIS A 204 2.45 -7.92 31.59
N ALA A 205 1.44 -7.50 30.84
CA ALA A 205 1.71 -6.53 29.81
C ALA A 205 1.54 -5.12 30.36
N ALA A 206 2.10 -4.21 29.60
CA ALA A 206 2.01 -2.83 29.95
C ALA A 206 0.58 -2.29 30.01
N PRO A 207 0.35 -1.30 30.86
CA PRO A 207 -0.90 -0.57 30.96
C PRO A 207 -1.63 -0.19 29.69
N ALA A 208 -2.63 -1.01 29.42
CA ALA A 208 -3.42 -0.86 28.23
C ALA A 208 -4.14 0.45 28.22
N LEU A 209 -3.96 1.27 27.20
CA LEU A 209 -4.71 2.50 27.07
C LEU A 209 -5.68 2.20 25.93
N GLN A 210 -6.87 2.82 25.87
CA GLN A 210 -7.81 2.48 24.81
C GLN A 210 -7.77 3.30 23.58
N GLY A 211 -8.03 2.53 22.51
CA GLY A 211 -7.83 2.90 21.13
C GLY A 211 -8.68 3.89 20.37
N PHE A 212 -9.00 3.46 19.15
CA PHE A 212 -9.82 4.29 18.29
C PHE A 212 -11.21 4.15 18.87
N GLY A 213 -12.05 5.16 18.63
CA GLY A 213 -13.42 5.09 19.05
C GLY A 213 -13.58 5.36 20.54
N ILE A 214 -13.10 6.55 20.94
CA ILE A 214 -13.31 7.08 22.29
C ILE A 214 -13.80 8.46 21.91
N SER A 215 -14.97 8.72 22.48
CA SER A 215 -15.75 9.92 22.23
C SER A 215 -16.34 10.48 23.52
N SER A 216 -17.01 9.53 24.19
CA SER A 216 -17.71 9.79 25.42
C SER A 216 -16.73 10.06 26.54
N PRO A 217 -16.89 11.18 27.25
CA PRO A 217 -16.37 11.36 28.59
C PRO A 217 -16.63 10.12 29.45
N GLU A 218 -17.84 9.54 29.43
CA GLU A 218 -18.09 8.35 30.23
C GLU A 218 -17.39 7.11 29.67
N GLN A 219 -16.97 7.16 28.39
CA GLN A 219 -16.22 6.06 27.78
C GLN A 219 -14.90 5.87 28.47
N VAL A 220 -14.29 6.99 28.88
CA VAL A 220 -13.04 6.98 29.63
C VAL A 220 -13.34 6.23 30.93
N SER A 221 -14.42 6.61 31.61
CA SER A 221 -14.83 6.06 32.90
C SER A 221 -14.96 4.53 32.80
N ALA A 222 -15.68 4.18 31.73
CA ALA A 222 -15.97 2.81 31.37
C ALA A 222 -14.68 2.04 31.18
N ALA A 223 -13.79 2.61 30.36
CA ALA A 223 -12.51 2.06 30.01
C ALA A 223 -11.68 1.85 31.25
N VAL A 224 -11.67 2.85 32.13
CA VAL A 224 -10.89 2.80 33.34
C VAL A 224 -11.44 1.64 34.14
N ARG A 225 -12.69 1.58 34.60
CA ARG A 225 -13.15 0.44 35.41
C ARG A 225 -13.19 -0.90 34.69
N ALA A 226 -13.31 -0.87 33.35
CA ALA A 226 -13.30 -2.09 32.56
C ALA A 226 -11.93 -2.76 32.62
N GLY A 227 -10.90 -1.98 32.96
CA GLY A 227 -9.56 -2.50 33.16
C GLY A 227 -8.49 -1.66 32.50
N ALA A 228 -8.87 -0.76 31.60
CA ALA A 228 -7.91 0.03 30.89
C ALA A 228 -7.37 1.10 31.82
N ALA A 229 -6.07 1.41 31.75
CA ALA A 229 -5.51 2.46 32.57
C ALA A 229 -5.76 3.86 32.03
N GLY A 230 -6.29 4.08 30.82
CA GLY A 230 -6.52 5.43 30.36
C GLY A 230 -7.15 5.40 28.99
N ALA A 231 -7.35 6.56 28.35
CA ALA A 231 -7.97 6.59 27.04
C ALA A 231 -7.41 7.66 26.10
N ILE A 232 -7.17 7.31 24.82
CA ILE A 232 -6.57 8.23 23.88
C ILE A 232 -7.64 8.79 22.96
N SER A 233 -7.55 10.07 22.62
CA SER A 233 -8.51 10.71 21.75
C SER A 233 -7.76 11.65 20.81
N GLY A 234 -8.13 11.74 19.52
CA GLY A 234 -7.42 12.59 18.56
C GLY A 234 -8.43 13.29 17.67
N SER A 235 -9.29 12.45 17.10
CA SER A 235 -10.46 12.78 16.30
C SER A 235 -11.16 14.08 16.68
N ALA A 236 -11.64 14.03 17.92
CA ALA A 236 -12.35 15.10 18.58
C ALA A 236 -11.53 16.37 18.59
N ILE A 237 -10.31 16.19 19.15
CA ILE A 237 -9.33 17.26 19.40
C ILE A 237 -9.07 18.01 18.09
N VAL A 238 -8.92 17.23 17.00
CA VAL A 238 -8.57 17.76 15.70
C VAL A 238 -9.78 18.45 15.10
N LYS A 239 -10.98 17.89 15.18
CA LYS A 239 -12.19 18.49 14.60
C LYS A 239 -12.28 19.94 15.05
N ILE A 240 -12.04 20.17 16.34
CA ILE A 240 -12.06 21.49 16.95
C ILE A 240 -11.02 22.40 16.31
N ILE A 241 -9.84 21.86 16.04
CA ILE A 241 -8.77 22.62 15.43
C ILE A 241 -9.19 23.03 14.03
N GLU A 242 -9.97 22.15 13.40
CA GLU A 242 -10.48 22.35 12.06
C GLU A 242 -11.61 23.38 12.10
N LYS A 243 -12.50 23.28 13.11
CA LYS A 243 -13.65 24.15 13.25
C LYS A 243 -13.25 25.58 13.60
N ASN A 244 -12.71 25.74 14.81
CA ASN A 244 -12.42 27.06 15.33
C ASN A 244 -11.11 27.62 14.80
N LEU A 245 -10.64 27.15 13.64
CA LEU A 245 -9.38 27.54 13.07
C LEU A 245 -9.40 29.02 12.70
N ALA A 246 -10.58 29.56 12.43
CA ALA A 246 -10.72 30.99 12.16
C ALA A 246 -10.81 31.81 13.46
N SER A 247 -11.26 31.19 14.56
CA SER A 247 -11.38 31.83 15.85
C SER A 247 -10.38 31.17 16.80
N PRO A 248 -9.06 31.47 16.67
CA PRO A 248 -7.97 30.73 17.31
C PRO A 248 -8.17 30.67 18.82
N LYS A 249 -8.52 31.82 19.42
CA LYS A 249 -8.70 31.91 20.86
C LYS A 249 -9.83 31.02 21.31
N GLN A 250 -10.85 30.90 20.45
CA GLN A 250 -12.00 30.08 20.74
C GLN A 250 -11.63 28.63 20.60
N MET A 251 -10.72 28.33 19.67
CA MET A 251 -10.23 26.98 19.50
C MET A 251 -9.61 26.55 20.81
N LEU A 252 -8.61 27.34 21.23
CA LEU A 252 -7.88 27.12 22.47
C LEU A 252 -8.77 26.90 23.66
N ALA A 253 -9.80 27.75 23.68
CA ALA A 253 -10.85 27.69 24.68
C ALA A 253 -11.64 26.41 24.63
N GLU A 254 -12.13 25.94 23.49
CA GLU A 254 -12.93 24.73 23.47
C GLU A 254 -12.09 23.48 23.72
N LEU A 255 -10.81 23.63 23.37
CA LEU A 255 -9.80 22.61 23.60
C LEU A 255 -9.65 22.48 25.10
N ARG A 256 -9.39 23.63 25.73
CA ARG A 256 -9.18 23.75 27.17
C ARG A 256 -10.40 23.13 27.83
N SER A 257 -11.58 23.42 27.31
CA SER A 257 -12.80 22.76 27.75
C SER A 257 -12.77 21.24 27.55
N PHE A 258 -12.60 20.63 26.36
CA PHE A 258 -12.74 19.19 26.26
C PHE A 258 -11.71 18.47 27.07
N VAL A 259 -10.47 18.92 27.08
CA VAL A 259 -9.44 18.20 27.83
C VAL A 259 -9.84 18.22 29.29
N SER A 260 -10.26 19.38 29.83
CA SER A 260 -10.73 19.47 31.20
C SER A 260 -11.93 18.57 31.44
N ALA A 261 -12.81 18.57 30.43
CA ALA A 261 -14.06 17.81 30.44
C ALA A 261 -13.84 16.31 30.37
N MET A 262 -12.84 15.91 29.60
CA MET A 262 -12.61 14.51 29.43
C MET A 262 -11.83 14.05 30.62
N LYS A 263 -10.79 14.80 31.00
CA LYS A 263 -9.97 14.45 32.15
C LYS A 263 -10.84 14.42 33.39
N ALA A 264 -11.81 15.33 33.51
CA ALA A 264 -12.76 15.32 34.61
C ALA A 264 -13.52 14.01 34.66
N ALA A 265 -13.78 13.36 33.53
CA ALA A 265 -14.50 12.11 33.51
C ALA A 265 -13.65 10.89 33.79
N SER A 266 -12.34 11.07 33.89
CA SER A 266 -11.38 10.00 34.09
C SER A 266 -11.28 9.32 35.47
N ARG A 267 -12.43 8.94 36.05
CA ARG A 267 -12.53 8.20 37.31
C ARG A 267 -13.83 7.41 37.22
N ALA A 268 -13.74 6.15 37.65
CA ALA A 268 -14.81 5.16 37.66
C ALA A 268 -14.18 3.80 37.94
N THR B 3 3.25 -18.10 8.51
CA THR B 3 3.58 -18.10 7.12
C THR B 3 3.94 -19.47 6.63
N LEU B 4 3.15 -20.02 5.72
CA LEU B 4 3.51 -21.31 5.14
C LEU B 4 4.55 -21.10 4.05
N LEU B 5 4.38 -20.01 3.32
CA LEU B 5 5.33 -19.61 2.29
C LEU B 5 6.10 -18.41 2.82
N ASN B 6 7.35 -18.35 2.41
CA ASN B 6 8.21 -17.20 2.71
C ASN B 6 7.75 -15.86 2.10
N PRO B 7 7.68 -14.76 2.85
CA PRO B 7 7.22 -13.44 2.46
C PRO B 7 8.24 -12.57 1.77
N TYR B 8 9.44 -13.05 1.56
CA TYR B 8 10.54 -12.19 1.13
C TYR B 8 11.18 -12.80 -0.07
N PHE B 9 11.63 -11.85 -0.87
CA PHE B 9 12.37 -12.16 -2.08
C PHE B 9 13.66 -11.46 -1.77
N GLY B 10 14.68 -12.20 -1.36
CA GLY B 10 15.92 -11.59 -0.87
C GLY B 10 15.51 -10.62 0.23
N GLU B 11 15.72 -9.33 0.15
CA GLU B 11 15.32 -8.42 1.18
C GLU B 11 14.02 -7.72 0.89
N PHE B 12 13.35 -8.04 -0.20
CA PHE B 12 12.17 -7.25 -0.55
C PHE B 12 10.94 -8.05 -0.20
N GLY B 13 9.88 -7.38 0.24
CA GLY B 13 8.70 -8.17 0.61
C GLY B 13 8.07 -7.77 1.92
N GLY B 14 7.66 -8.85 2.58
CA GLY B 14 7.09 -8.77 3.90
C GLY B 14 5.62 -8.38 3.92
N MET B 15 5.18 -8.01 5.11
CA MET B 15 3.77 -7.73 5.33
C MET B 15 3.71 -6.53 6.23
N TYR B 16 3.93 -5.33 5.72
CA TYR B 16 3.94 -4.20 6.60
C TYR B 16 2.58 -3.56 6.62
N VAL B 17 1.66 -4.29 7.26
CA VAL B 17 0.29 -3.82 7.42
C VAL B 17 -0.03 -3.62 8.89
N PRO B 18 -0.90 -2.65 9.23
CA PRO B 18 -1.55 -2.52 10.53
C PRO B 18 -1.89 -3.87 11.12
N GLN B 19 -1.58 -4.17 12.38
CA GLN B 19 -1.80 -5.48 13.01
C GLN B 19 -3.19 -6.16 12.86
N ILE B 20 -4.22 -5.34 12.75
CA ILE B 20 -5.57 -5.83 12.56
C ILE B 20 -5.75 -6.61 11.25
N LEU B 21 -4.97 -6.30 10.19
CA LEU B 21 -5.12 -6.99 8.91
C LEU B 21 -4.33 -8.26 8.86
N MET B 22 -3.50 -8.48 9.87
CA MET B 22 -2.68 -9.66 9.84
C MET B 22 -3.38 -10.98 9.86
N PRO B 23 -4.56 -11.21 10.50
CA PRO B 23 -5.26 -12.51 10.48
C PRO B 23 -5.87 -12.74 9.09
N ALA B 24 -6.40 -11.67 8.50
CA ALA B 24 -6.87 -11.65 7.11
C ALA B 24 -5.76 -12.17 6.19
N LEU B 25 -4.51 -11.67 6.29
CA LEU B 25 -3.50 -12.13 5.37
C LEU B 25 -3.14 -13.57 5.58
N ASN B 26 -3.14 -14.06 6.82
CA ASN B 26 -2.75 -15.46 7.00
C ASN B 26 -3.89 -16.38 6.63
N GLN B 27 -5.12 -15.89 6.66
CA GLN B 27 -6.29 -16.66 6.25
C GLN B 27 -6.20 -16.86 4.73
N LEU B 28 -5.90 -15.76 4.00
CA LEU B 28 -5.80 -15.83 2.54
C LEU B 28 -4.67 -16.74 2.14
N GLU B 29 -3.56 -16.73 2.89
CA GLU B 29 -2.43 -17.58 2.59
C GLU B 29 -2.82 -19.02 2.75
N GLU B 30 -3.67 -19.34 3.74
CA GLU B 30 -4.16 -20.71 3.98
C GLU B 30 -5.10 -21.12 2.85
N ALA B 31 -6.03 -20.23 2.53
CA ALA B 31 -6.91 -20.44 1.40
C ALA B 31 -6.12 -20.71 0.10
N PHE B 32 -5.09 -19.92 -0.21
CA PHE B 32 -4.30 -20.11 -1.40
C PHE B 32 -3.59 -21.45 -1.40
N VAL B 33 -2.94 -21.81 -0.32
CA VAL B 33 -2.19 -23.03 -0.29
C VAL B 33 -3.09 -24.25 -0.45
N ARG B 34 -4.25 -24.27 0.20
CA ARG B 34 -5.14 -25.42 0.10
C ARG B 34 -5.76 -25.43 -1.31
N ALA B 35 -6.16 -24.28 -1.88
CA ALA B 35 -6.69 -24.20 -3.22
C ALA B 35 -5.65 -24.72 -4.16
N GLN B 36 -4.37 -24.40 -3.99
CA GLN B 36 -3.35 -24.85 -4.90
C GLN B 36 -3.26 -26.36 -4.99
N LYS B 37 -3.59 -27.04 -3.88
CA LYS B 37 -3.56 -28.48 -3.92
C LYS B 37 -4.90 -29.08 -4.29
N ASP B 38 -5.98 -28.31 -4.28
CA ASP B 38 -7.28 -28.89 -4.59
C ASP B 38 -7.51 -29.01 -6.12
N PRO B 39 -7.63 -30.26 -6.60
CA PRO B 39 -7.97 -30.58 -7.98
C PRO B 39 -9.28 -29.93 -8.35
N GLU B 40 -10.31 -29.87 -7.52
CA GLU B 40 -11.52 -29.16 -7.90
C GLU B 40 -11.33 -27.64 -8.02
N PHE B 41 -10.23 -27.08 -7.50
CA PHE B 41 -10.01 -25.64 -7.60
C PHE B 41 -9.35 -25.42 -8.93
N GLN B 42 -8.34 -26.22 -9.25
CA GLN B 42 -7.68 -26.03 -10.52
C GLN B 42 -8.64 -26.38 -11.64
N ALA B 43 -9.47 -27.42 -11.53
CA ALA B 43 -10.52 -27.72 -12.51
C ALA B 43 -11.47 -26.57 -12.73
N GLN B 44 -11.95 -25.94 -11.68
CA GLN B 44 -12.82 -24.80 -11.83
C GLN B 44 -12.11 -23.59 -12.41
N PHE B 45 -10.85 -23.41 -12.01
CA PHE B 45 -10.02 -22.32 -12.49
C PHE B 45 -9.78 -22.50 -14.02
N ALA B 46 -9.36 -23.69 -14.47
CA ALA B 46 -9.02 -23.93 -15.84
C ALA B 46 -10.21 -23.78 -16.79
N ASP B 47 -11.35 -24.33 -16.34
CA ASP B 47 -12.60 -24.21 -17.05
C ASP B 47 -12.93 -22.75 -17.25
N LEU B 48 -12.86 -21.93 -16.21
CA LEU B 48 -13.17 -20.53 -16.34
C LEU B 48 -12.09 -19.85 -17.23
N LEU B 49 -10.84 -20.31 -17.30
CA LEU B 49 -9.89 -19.62 -18.17
C LEU B 49 -10.11 -19.97 -19.64
N LYS B 50 -10.35 -21.24 -19.96
CA LYS B 50 -10.59 -21.69 -21.31
C LYS B 50 -11.93 -21.24 -21.86
N ASN B 51 -13.06 -21.50 -21.17
CA ASN B 51 -14.36 -21.24 -21.71
C ASN B 51 -14.97 -19.94 -21.39
N TYR B 52 -14.44 -19.17 -20.45
CA TYR B 52 -15.04 -17.84 -20.31
C TYR B 52 -14.14 -16.70 -20.81
N ALA B 53 -12.86 -16.86 -20.56
CA ALA B 53 -11.88 -15.82 -20.82
C ALA B 53 -11.26 -15.97 -22.18
N GLY B 54 -11.06 -17.21 -22.63
CA GLY B 54 -10.59 -17.47 -23.98
C GLY B 54 -9.09 -17.72 -24.06
N ARG B 55 -8.59 -18.59 -23.19
CA ARG B 55 -7.18 -18.90 -23.07
C ARG B 55 -7.04 -20.22 -23.82
N PRO B 56 -6.02 -20.64 -24.55
CA PRO B 56 -4.75 -19.94 -24.74
C PRO B 56 -4.86 -18.76 -25.64
N THR B 57 -4.13 -17.68 -25.35
CA THR B 57 -4.12 -16.55 -26.26
C THR B 57 -3.01 -16.87 -27.30
N ALA B 58 -3.09 -16.21 -28.46
CA ALA B 58 -2.17 -16.51 -29.56
C ALA B 58 -0.77 -15.94 -29.37
N LEU B 59 0.15 -16.45 -30.16
CA LEU B 59 1.48 -15.90 -30.20
C LEU B 59 1.65 -15.51 -31.66
N THR B 60 1.51 -14.22 -31.94
CA THR B 60 1.62 -13.65 -33.28
C THR B 60 3.04 -13.37 -33.78
N LYS B 61 3.54 -13.86 -34.92
CA LYS B 61 4.83 -13.37 -35.43
C LYS B 61 4.63 -12.09 -36.18
N CYS B 62 5.42 -11.09 -35.92
CA CYS B 62 5.35 -9.86 -36.67
C CYS B 62 5.94 -10.06 -38.06
N GLN B 63 5.33 -9.69 -39.21
CA GLN B 63 6.08 -9.95 -40.47
C GLN B 63 6.62 -8.74 -41.23
N ASN B 64 6.19 -7.57 -40.77
CA ASN B 64 6.54 -6.33 -41.41
C ASN B 64 7.39 -5.43 -40.53
N ILE B 65 7.14 -5.23 -39.22
CA ILE B 65 7.96 -4.31 -38.41
C ILE B 65 9.44 -4.70 -38.35
N THR B 66 9.80 -5.98 -38.36
CA THR B 66 11.18 -6.31 -38.31
C THR B 66 11.94 -6.27 -39.62
N ALA B 67 11.38 -5.71 -40.70
CA ALA B 67 12.00 -5.82 -42.02
C ALA B 67 13.32 -5.05 -42.12
N GLY B 68 14.33 -5.73 -42.64
CA GLY B 68 15.63 -5.10 -42.79
C GLY B 68 16.58 -5.29 -41.61
N THR B 69 16.15 -6.11 -40.64
CA THR B 69 16.98 -6.37 -39.50
C THR B 69 17.03 -7.88 -39.41
N ARG B 70 17.74 -8.48 -38.46
CA ARG B 70 17.70 -9.92 -38.28
C ARG B 70 17.03 -10.33 -36.97
N THR B 71 16.14 -9.46 -36.48
CA THR B 71 15.33 -9.69 -35.31
C THR B 71 14.03 -10.42 -35.70
N THR B 72 13.70 -11.63 -35.20
CA THR B 72 12.36 -12.22 -35.32
C THR B 72 11.61 -11.80 -34.05
N LEU B 73 10.46 -11.14 -34.17
CA LEU B 73 9.65 -10.68 -33.08
C LEU B 73 8.25 -11.31 -32.93
N TYR B 74 7.98 -12.07 -31.87
CA TYR B 74 6.62 -12.49 -31.56
C TYR B 74 5.94 -11.66 -30.48
N LEU B 75 4.62 -11.71 -30.48
CA LEU B 75 3.78 -10.96 -29.54
C LEU B 75 2.84 -11.92 -28.85
N LYS B 76 2.80 -11.87 -27.50
CA LYS B 76 1.87 -12.75 -26.82
C LYS B 76 0.64 -11.89 -26.65
N ARG B 77 -0.43 -12.50 -27.17
CA ARG B 77 -1.69 -11.81 -27.35
C ARG B 77 -2.68 -11.68 -26.20
N GLU B 78 -2.27 -11.03 -25.10
CA GLU B 78 -3.10 -10.88 -23.91
C GLU B 78 -4.24 -9.91 -24.14
N ASP B 79 -4.04 -9.09 -25.17
CA ASP B 79 -5.05 -8.16 -25.67
C ASP B 79 -6.33 -8.89 -26.13
N LEU B 80 -6.23 -10.17 -26.49
CA LEU B 80 -7.35 -11.00 -26.97
C LEU B 80 -8.10 -11.74 -25.84
N LEU B 81 -7.80 -11.39 -24.58
CA LEU B 81 -8.45 -12.03 -23.46
C LEU B 81 -9.68 -11.22 -23.25
N HIS B 82 -10.70 -11.93 -22.75
CA HIS B 82 -11.95 -11.34 -22.36
C HIS B 82 -11.73 -10.20 -21.39
N GLY B 83 -12.27 -9.03 -21.66
CA GLY B 83 -12.08 -7.84 -20.88
C GLY B 83 -11.04 -6.99 -21.59
N GLY B 84 -10.09 -7.59 -22.31
CA GLY B 84 -9.14 -6.86 -23.13
C GLY B 84 -7.74 -6.71 -22.54
N ALA B 85 -7.28 -7.62 -21.69
CA ALA B 85 -6.02 -7.47 -20.99
C ALA B 85 -5.82 -8.63 -20.05
N HIS B 86 -4.53 -8.81 -19.81
CA HIS B 86 -4.02 -9.81 -18.87
C HIS B 86 -4.72 -9.78 -17.51
N THR B 87 -5.29 -8.65 -17.02
CA THR B 87 -5.87 -8.53 -15.66
C THR B 87 -6.84 -9.63 -15.25
N THR B 88 -7.68 -10.00 -16.21
CA THR B 88 -8.59 -11.10 -16.06
C THR B 88 -8.06 -12.41 -15.50
N ASN B 89 -6.85 -12.85 -15.71
CA ASN B 89 -6.46 -14.20 -15.30
C ASN B 89 -6.47 -14.43 -13.79
N GLN B 90 -5.91 -13.42 -13.12
CA GLN B 90 -5.71 -13.39 -11.68
C GLN B 90 -7.06 -13.17 -11.02
N VAL B 91 -7.85 -12.25 -11.59
CA VAL B 91 -9.14 -11.90 -11.04
C VAL B 91 -9.98 -13.15 -11.04
N LEU B 92 -9.99 -14.06 -12.02
CA LEU B 92 -10.76 -15.25 -11.88
C LEU B 92 -10.31 -16.13 -10.72
N GLY B 93 -9.03 -16.28 -10.47
CA GLY B 93 -8.52 -17.11 -9.38
C GLY B 93 -8.83 -16.56 -8.00
N GLN B 94 -8.74 -15.24 -7.80
CA GLN B 94 -9.01 -14.62 -6.52
C GLN B 94 -10.46 -14.56 -6.12
N ALA B 95 -11.38 -14.55 -7.10
CA ALA B 95 -12.79 -14.50 -6.82
C ALA B 95 -13.20 -15.92 -6.46
N LEU B 96 -12.66 -17.00 -7.07
CA LEU B 96 -12.93 -18.35 -6.61
C LEU B 96 -12.32 -18.46 -5.20
N LEU B 97 -11.12 -17.94 -4.85
CA LEU B 97 -10.60 -17.93 -3.46
C LEU B 97 -11.52 -17.19 -2.51
N ALA B 98 -12.03 -16.04 -2.91
CA ALA B 98 -12.94 -15.28 -2.10
C ALA B 98 -14.19 -16.08 -1.78
N LYS B 99 -14.86 -16.73 -2.75
CA LYS B 99 -16.06 -17.50 -2.45
C LYS B 99 -15.72 -18.80 -1.73
N ARG B 100 -14.53 -19.37 -1.90
CA ARG B 100 -14.08 -20.54 -1.15
C ARG B 100 -13.94 -20.18 0.34
N MET B 101 -13.62 -18.93 0.64
CA MET B 101 -13.48 -18.48 2.01
C MET B 101 -14.83 -17.96 2.49
N GLY B 102 -15.96 -18.31 1.85
CA GLY B 102 -17.30 -17.83 2.17
C GLY B 102 -17.44 -16.30 2.11
N LYS B 103 -16.64 -15.52 1.36
CA LYS B 103 -16.76 -14.05 1.32
C LYS B 103 -17.75 -13.55 0.28
N SER B 104 -18.20 -12.31 0.33
CA SER B 104 -19.28 -11.92 -0.54
C SER B 104 -19.21 -10.53 -1.11
N GLU B 105 -18.27 -9.74 -0.66
CA GLU B 105 -18.06 -8.43 -1.24
C GLU B 105 -16.63 -8.53 -1.72
N ILE B 106 -16.26 -7.63 -2.58
CA ILE B 106 -14.94 -7.61 -3.18
C ILE B 106 -14.62 -6.13 -3.14
N ILE B 107 -13.37 -5.79 -2.75
CA ILE B 107 -12.88 -4.41 -2.91
C ILE B 107 -11.75 -4.44 -3.94
N ALA B 108 -11.54 -3.40 -4.74
CA ALA B 108 -10.42 -3.37 -5.65
C ALA B 108 -10.16 -1.92 -5.95
N GLU B 109 -9.01 -1.68 -6.57
CA GLU B 109 -8.54 -0.35 -6.91
C GLU B 109 -8.14 -0.48 -8.35
N THR B 110 -8.17 0.64 -9.06
CA THR B 110 -7.85 0.60 -10.45
C THR B 110 -7.32 1.97 -10.80
N GLY B 111 -6.40 1.95 -11.79
CA GLY B 111 -5.79 3.14 -12.38
C GLY B 111 -6.06 3.20 -13.90
N ALA B 112 -5.66 2.23 -14.75
CA ALA B 112 -6.04 2.28 -16.15
C ALA B 112 -7.50 1.86 -16.27
N GLY B 113 -8.15 1.40 -15.18
CA GLY B 113 -9.57 1.01 -15.20
C GLY B 113 -9.68 -0.46 -15.55
N GLN B 114 -8.65 -1.07 -16.08
CA GLN B 114 -8.68 -2.43 -16.56
C GLN B 114 -8.78 -3.49 -15.47
N HIS B 115 -8.31 -3.23 -14.26
CA HIS B 115 -8.46 -4.23 -13.21
C HIS B 115 -9.83 -3.91 -12.61
N GLY B 116 -10.32 -2.68 -12.69
CA GLY B 116 -11.67 -2.31 -12.23
C GLY B 116 -12.71 -3.14 -12.97
N VAL B 117 -12.62 -3.09 -14.32
CA VAL B 117 -13.50 -3.82 -15.26
C VAL B 117 -13.37 -5.31 -15.01
N ALA B 118 -12.17 -5.87 -14.88
CA ALA B 118 -12.08 -7.31 -14.62
C ALA B 118 -12.64 -7.77 -13.28
N SER B 119 -12.69 -6.89 -12.27
CA SER B 119 -13.27 -7.24 -10.97
C SER B 119 -14.77 -7.17 -11.14
N ALA B 120 -15.29 -6.05 -11.67
CA ALA B 120 -16.68 -5.90 -12.08
C ALA B 120 -17.13 -7.11 -12.87
N LEU B 121 -16.44 -7.62 -13.90
CA LEU B 121 -16.98 -8.80 -14.61
C LEU B 121 -16.94 -10.10 -13.81
N ALA B 122 -15.87 -10.39 -13.05
CA ALA B 122 -15.81 -11.64 -12.29
C ALA B 122 -16.80 -11.70 -11.13
N SER B 123 -17.11 -10.58 -10.52
CA SER B 123 -18.11 -10.47 -9.49
C SER B 123 -19.47 -10.83 -10.09
N ALA B 124 -19.91 -10.13 -11.19
CA ALA B 124 -21.18 -10.36 -11.88
C ALA B 124 -21.21 -11.82 -12.28
N LEU B 125 -20.15 -12.39 -12.79
CA LEU B 125 -20.16 -13.79 -13.09
C LEU B 125 -20.43 -14.64 -11.86
N LEU B 126 -19.66 -14.43 -10.77
CA LEU B 126 -19.72 -15.30 -9.60
C LEU B 126 -20.70 -14.96 -8.44
N GLY B 127 -21.43 -13.86 -8.47
CA GLY B 127 -22.39 -13.54 -7.45
C GLY B 127 -21.81 -12.82 -6.26
N LEU B 128 -20.73 -12.08 -6.49
CA LEU B 128 -20.10 -11.31 -5.44
C LEU B 128 -20.47 -9.82 -5.62
N LYS B 129 -20.48 -8.99 -4.57
CA LYS B 129 -20.79 -7.57 -4.72
C LYS B 129 -19.46 -6.81 -4.77
N CYS B 130 -19.34 -5.73 -5.52
CA CYS B 130 -18.04 -5.14 -5.78
C CYS B 130 -17.93 -3.62 -5.73
N ARG B 131 -16.99 -3.12 -4.91
CA ARG B 131 -16.70 -1.69 -4.84
C ARG B 131 -15.25 -1.43 -5.25
N ILE B 132 -15.07 -0.37 -6.02
CA ILE B 132 -13.78 -0.08 -6.62
C ILE B 132 -13.41 1.32 -6.22
N TYR B 133 -12.11 1.58 -6.13
CA TYR B 133 -11.62 2.92 -5.89
C TYR B 133 -10.81 3.27 -7.13
N MET B 134 -11.04 4.49 -7.60
CA MET B 134 -10.34 4.97 -8.76
C MET B 134 -10.11 6.45 -8.56
N GLY B 135 -8.98 6.98 -9.04
CA GLY B 135 -8.69 8.38 -8.86
C GLY B 135 -8.91 9.22 -10.10
N ALA B 136 -9.39 10.43 -9.76
CA ALA B 136 -9.70 11.50 -10.70
C ALA B 136 -8.95 11.61 -12.02
N LYS B 137 -7.62 11.67 -12.15
CA LYS B 137 -7.05 11.82 -13.50
C LYS B 137 -7.13 10.54 -14.30
N ASP B 138 -7.21 9.40 -13.62
CA ASP B 138 -7.38 8.13 -14.29
C ASP B 138 -8.81 7.98 -14.82
N VAL B 139 -9.83 8.37 -14.00
CA VAL B 139 -11.25 8.40 -14.40
C VAL B 139 -11.33 9.18 -15.73
N GLU B 140 -10.73 10.38 -15.76
CA GLU B 140 -10.62 11.21 -16.95
C GLU B 140 -9.89 10.46 -18.05
N ARG B 141 -8.60 10.16 -17.92
CA ARG B 141 -7.84 9.48 -18.97
C ARG B 141 -8.42 8.18 -19.51
N GLN B 142 -9.22 7.49 -18.71
CA GLN B 142 -9.75 6.18 -19.05
C GLN B 142 -11.28 6.02 -18.95
N SER B 143 -12.05 7.09 -19.22
CA SER B 143 -13.51 7.08 -19.24
C SER B 143 -14.25 5.93 -19.94
N PRO B 144 -13.74 5.31 -21.03
CA PRO B 144 -14.20 4.02 -21.55
C PRO B 144 -14.48 2.97 -20.48
N ASN B 145 -13.43 2.76 -19.69
CA ASN B 145 -13.42 1.73 -18.66
C ASN B 145 -14.29 2.09 -17.48
N VAL B 146 -14.46 3.38 -17.24
CA VAL B 146 -15.31 3.88 -16.17
C VAL B 146 -16.73 3.36 -16.36
N PHE B 147 -17.30 3.45 -17.60
CA PHE B 147 -18.67 2.97 -17.82
C PHE B 147 -18.81 1.49 -18.09
N ARG B 148 -17.87 0.78 -18.69
CA ARG B 148 -17.94 -0.66 -18.82
C ARG B 148 -18.13 -1.23 -17.41
N MET B 149 -17.32 -0.70 -16.48
CA MET B 149 -17.31 -1.06 -15.07
C MET B 149 -18.65 -0.76 -14.41
N ARG B 150 -19.13 0.45 -14.66
CA ARG B 150 -20.43 0.85 -14.14
C ARG B 150 -21.55 -0.07 -14.63
N LEU B 151 -21.71 -0.34 -15.94
CA LEU B 151 -22.77 -1.19 -16.49
C LEU B 151 -22.83 -2.56 -15.84
N MET B 152 -21.70 -3.18 -15.50
CA MET B 152 -21.75 -4.49 -14.87
C MET B 152 -22.10 -4.45 -13.38
N GLY B 153 -22.55 -3.29 -12.91
CA GLY B 153 -23.01 -3.11 -11.55
C GLY B 153 -21.95 -3.04 -10.45
N ALA B 154 -20.86 -2.30 -10.70
CA ALA B 154 -19.81 -2.15 -9.70
C ALA B 154 -19.82 -0.72 -9.23
N GLU B 155 -19.52 -0.48 -7.96
CA GLU B 155 -19.52 0.87 -7.44
C GLU B 155 -18.18 1.54 -7.70
N VAL B 156 -18.08 2.65 -8.41
CA VAL B 156 -16.79 3.32 -8.60
C VAL B 156 -16.81 4.39 -7.53
N ILE B 157 -15.98 4.26 -6.50
CA ILE B 157 -15.87 5.27 -5.49
C ILE B 157 -14.67 6.13 -5.87
N PRO B 158 -14.90 7.39 -6.27
CA PRO B 158 -13.99 8.21 -7.06
C PRO B 158 -13.02 9.04 -6.23
N VAL B 159 -11.90 8.42 -5.94
CA VAL B 159 -10.86 8.96 -5.09
C VAL B 159 -10.20 10.23 -5.60
N HIS B 160 -10.19 11.04 -4.57
CA HIS B 160 -9.56 12.32 -4.49
C HIS B 160 -9.67 12.56 -2.99
N SER B 161 -8.82 11.79 -2.30
CA SER B 161 -8.50 11.92 -0.89
C SER B 161 -7.01 12.12 -1.17
N GLY B 162 -6.63 13.40 -1.18
CA GLY B 162 -5.29 13.79 -1.55
C GLY B 162 -5.12 13.63 -3.05
N SER B 163 -3.92 13.26 -3.42
CA SER B 163 -3.47 13.16 -4.79
C SER B 163 -4.24 12.38 -5.86
N ALA B 164 -5.38 11.75 -5.54
CA ALA B 164 -6.23 11.08 -6.53
C ALA B 164 -5.54 10.36 -7.70
N THR B 165 -5.03 9.18 -7.40
CA THR B 165 -4.34 8.38 -8.38
C THR B 165 -4.41 6.98 -7.80
N LEU B 166 -3.83 6.04 -8.52
CA LEU B 166 -3.70 4.67 -8.05
C LEU B 166 -3.14 4.62 -6.64
N LYS B 167 -2.06 5.36 -6.33
CA LYS B 167 -1.48 5.46 -5.01
C LYS B 167 -2.57 5.72 -4.02
N ASP B 168 -3.43 6.69 -4.33
CA ASP B 168 -4.51 7.07 -3.41
C ASP B 168 -5.68 6.11 -3.30
N ALA B 169 -5.90 5.44 -4.43
CA ALA B 169 -6.91 4.40 -4.51
C ALA B 169 -6.47 3.24 -3.62
N CYS B 170 -5.25 2.75 -3.80
CA CYS B 170 -4.59 1.71 -3.02
C CYS B 170 -4.78 1.86 -1.53
N ASN B 171 -4.57 3.10 -1.09
CA ASN B 171 -4.64 3.45 0.32
C ASN B 171 -6.08 3.35 0.78
N GLU B 172 -6.97 4.02 0.02
CA GLU B 172 -8.38 3.97 0.33
C GLU B 172 -8.98 2.59 0.40
N ALA B 173 -8.45 1.70 -0.41
CA ALA B 173 -8.89 0.33 -0.46
C ALA B 173 -8.45 -0.47 0.75
N LEU B 174 -7.23 -0.23 1.23
CA LEU B 174 -6.71 -0.86 2.48
C LEU B 174 -7.45 -0.34 3.73
N ARG B 175 -7.71 0.98 3.82
CA ARG B 175 -8.51 1.57 4.89
C ARG B 175 -9.86 0.85 5.02
N ASP B 176 -10.68 0.77 3.93
CA ASP B 176 -11.99 0.07 3.86
C ASP B 176 -11.80 -1.39 4.26
N TRP B 177 -10.87 -2.14 3.67
CA TRP B 177 -10.69 -3.54 4.05
C TRP B 177 -10.25 -3.71 5.51
N SER B 178 -9.69 -2.70 6.17
CA SER B 178 -9.39 -2.77 7.59
C SER B 178 -10.66 -2.87 8.45
N GLY B 179 -11.78 -2.34 7.93
CA GLY B 179 -13.09 -2.55 8.52
C GLY B 179 -13.70 -3.89 8.09
N SER B 180 -13.90 -4.02 6.76
CA SER B 180 -14.62 -5.12 6.11
C SER B 180 -14.05 -6.51 6.10
N TYR B 181 -12.80 -6.72 6.45
CA TYR B 181 -12.13 -7.98 6.20
C TYR B 181 -12.78 -9.32 6.56
N GLU B 182 -13.89 -9.35 7.28
CA GLU B 182 -14.46 -10.64 7.63
C GLU B 182 -15.56 -11.06 6.67
N THR B 183 -16.13 -10.11 5.91
CA THR B 183 -17.09 -10.42 4.86
C THR B 183 -16.44 -10.28 3.48
N ALA B 184 -15.78 -9.13 3.29
CA ALA B 184 -15.10 -8.69 2.09
C ALA B 184 -13.69 -9.18 1.79
N HIS B 185 -13.39 -9.55 0.54
CA HIS B 185 -12.04 -9.88 0.10
C HIS B 185 -11.49 -8.68 -0.67
N TYR B 186 -10.21 -8.37 -0.51
CA TYR B 186 -9.59 -7.30 -1.28
C TYR B 186 -8.91 -7.86 -2.54
N MET B 187 -9.45 -7.61 -3.74
CA MET B 187 -8.79 -8.07 -4.94
C MET B 187 -7.81 -7.00 -5.35
N LEU B 188 -6.59 -7.19 -4.91
CA LEU B 188 -5.52 -6.24 -5.18
C LEU B 188 -5.08 -6.45 -6.63
N GLY B 189 -4.77 -5.37 -7.30
CA GLY B 189 -4.46 -5.42 -8.72
C GLY B 189 -3.10 -5.89 -9.28
N THR B 190 -1.99 -5.86 -8.56
CA THR B 190 -0.72 -6.17 -9.16
C THR B 190 -0.01 -7.18 -8.29
N ALA B 191 1.22 -7.50 -8.66
CA ALA B 191 1.96 -8.50 -7.92
C ALA B 191 2.77 -7.69 -6.88
N ALA B 192 2.15 -6.87 -6.05
CA ALA B 192 2.81 -6.02 -5.08
C ALA B 192 1.95 -5.97 -3.79
N GLY B 193 2.17 -5.04 -2.85
CA GLY B 193 1.44 -5.03 -1.60
C GLY B 193 1.96 -6.14 -0.69
N PRO B 194 1.26 -6.47 0.43
CA PRO B 194 1.68 -7.48 1.40
C PRO B 194 1.62 -8.93 1.03
N HIS B 195 2.52 -9.72 1.56
CA HIS B 195 2.45 -11.14 1.31
C HIS B 195 1.10 -11.69 1.75
N PRO B 196 0.38 -12.63 1.09
CA PRO B 196 0.86 -13.40 -0.06
C PRO B 196 0.50 -12.88 -1.45
N TYR B 197 -0.01 -11.65 -1.55
CA TYR B 197 -0.41 -11.12 -2.84
C TYR B 197 0.70 -11.14 -3.91
N PRO B 198 2.01 -10.75 -3.74
CA PRO B 198 3.08 -11.07 -4.66
C PRO B 198 3.18 -12.51 -5.17
N THR B 199 2.91 -13.49 -4.34
CA THR B 199 2.96 -14.89 -4.75
C THR B 199 1.67 -15.36 -5.44
N ILE B 200 0.51 -14.89 -4.97
CA ILE B 200 -0.79 -15.35 -5.43
C ILE B 200 -1.04 -14.81 -6.84
N VAL B 201 -0.79 -13.50 -7.04
CA VAL B 201 -0.92 -12.86 -8.33
C VAL B 201 0.06 -13.42 -9.35
N ARG B 202 1.24 -13.88 -8.95
CA ARG B 202 2.19 -14.52 -9.82
C ARG B 202 1.74 -15.91 -10.19
N GLU B 203 1.13 -16.66 -9.28
CA GLU B 203 0.73 -18.01 -9.59
C GLU B 203 -0.52 -18.02 -10.48
N PHE B 204 -1.30 -16.95 -10.37
CA PHE B 204 -2.48 -16.76 -11.16
C PHE B 204 -2.26 -15.99 -12.49
N GLN B 205 -1.02 -15.69 -12.88
CA GLN B 205 -0.68 -15.04 -14.13
C GLN B 205 0.36 -15.90 -14.78
N ARG B 206 0.84 -16.95 -14.15
CA ARG B 206 1.87 -17.84 -14.65
C ARG B 206 1.64 -18.50 -16.02
N MET B 207 0.37 -18.52 -16.47
CA MET B 207 -0.03 -19.29 -17.65
C MET B 207 0.41 -18.55 -18.88
N ILE B 208 0.47 -17.22 -18.77
CA ILE B 208 1.01 -16.38 -19.80
C ILE B 208 2.37 -16.93 -20.21
N GLY B 209 3.34 -16.98 -19.30
CA GLY B 209 4.66 -17.49 -19.61
C GLY B 209 4.70 -18.94 -19.92
N GLU B 210 3.86 -19.85 -19.43
CA GLU B 210 3.99 -21.27 -19.75
C GLU B 210 3.41 -21.57 -21.16
N GLU B 211 2.41 -20.79 -21.59
CA GLU B 211 1.85 -20.92 -22.96
C GLU B 211 2.96 -20.36 -23.85
N THR B 212 3.54 -19.15 -23.66
CA THR B 212 4.65 -18.71 -24.50
C THR B 212 5.76 -19.71 -24.69
N LYS B 213 6.26 -20.30 -23.64
CA LYS B 213 7.26 -21.35 -23.78
C LYS B 213 6.80 -22.48 -24.69
N ALA B 214 5.57 -22.99 -24.56
CA ALA B 214 5.14 -24.12 -25.40
C ALA B 214 4.96 -23.73 -26.87
N GLN B 215 4.46 -22.53 -27.07
CA GLN B 215 4.18 -21.96 -28.40
C GLN B 215 5.45 -21.70 -29.19
N ILE B 216 6.38 -20.89 -28.71
CA ILE B 216 7.66 -20.63 -29.35
C ILE B 216 8.45 -21.91 -29.58
N LEU B 217 8.40 -22.92 -28.77
CA LEU B 217 9.22 -24.07 -29.00
C LEU B 217 8.66 -24.86 -30.16
N ASP B 218 7.36 -24.78 -30.34
CA ASP B 218 6.76 -25.54 -31.40
C ASP B 218 7.04 -24.77 -32.69
N LYS B 219 6.87 -23.44 -32.67
CA LYS B 219 7.11 -22.60 -33.82
C LYS B 219 8.57 -22.53 -34.21
N GLU B 220 9.43 -22.06 -33.33
CA GLU B 220 10.82 -21.85 -33.62
C GLU B 220 11.71 -23.00 -33.31
N GLY B 221 11.24 -23.99 -32.59
CA GLY B 221 12.15 -25.07 -32.22
C GLY B 221 13.15 -24.61 -31.18
N ARG B 222 12.99 -23.43 -30.58
CA ARG B 222 13.96 -22.92 -29.65
C ARG B 222 13.38 -21.81 -28.82
N LEU B 223 13.95 -21.63 -27.62
CA LEU B 223 13.53 -20.65 -26.62
C LEU B 223 13.96 -19.27 -27.01
N PRO B 224 13.24 -18.22 -26.64
CA PRO B 224 13.59 -16.86 -27.00
C PRO B 224 14.98 -16.50 -26.50
N ASP B 225 15.46 -15.43 -27.12
CA ASP B 225 16.66 -14.82 -26.64
C ASP B 225 16.23 -13.87 -25.53
N ALA B 226 15.10 -13.22 -25.61
CA ALA B 226 14.65 -12.36 -24.54
C ALA B 226 13.13 -12.33 -24.59
N VAL B 227 12.42 -12.14 -23.45
CA VAL B 227 10.99 -11.93 -23.41
C VAL B 227 10.93 -10.57 -22.73
N ILE B 228 10.07 -9.63 -23.20
CA ILE B 228 10.08 -8.22 -22.78
C ILE B 228 8.70 -7.87 -22.28
N ALA B 229 8.49 -7.14 -21.16
CA ALA B 229 7.16 -6.82 -20.65
C ALA B 229 7.23 -5.54 -19.87
N CYS B 230 6.18 -4.77 -19.82
CA CYS B 230 6.25 -3.49 -19.17
C CYS B 230 6.03 -3.73 -17.68
N VAL B 231 6.42 -2.78 -16.82
CA VAL B 231 6.35 -2.97 -15.39
C VAL B 231 5.81 -1.70 -14.79
N GLY B 232 4.52 -1.80 -14.41
CA GLY B 232 3.76 -0.84 -13.58
C GLY B 232 3.91 -1.25 -12.09
N GLY B 233 3.39 -2.40 -11.61
CA GLY B 233 3.72 -2.96 -10.31
C GLY B 233 4.26 -4.35 -10.55
N GLY B 234 3.92 -4.99 -11.67
CA GLY B 234 4.67 -6.20 -12.04
C GLY B 234 3.93 -7.46 -12.34
N SER B 235 2.59 -7.54 -12.44
CA SER B 235 1.95 -8.84 -12.68
C SER B 235 2.10 -9.48 -14.02
N ASN B 236 1.89 -8.73 -15.11
CA ASN B 236 2.04 -9.28 -16.49
C ASN B 236 3.48 -9.65 -16.79
N ALA B 237 4.38 -8.79 -16.31
CA ALA B 237 5.80 -9.09 -16.41
C ALA B 237 6.13 -10.32 -15.60
N ILE B 238 5.68 -10.52 -14.35
CA ILE B 238 6.08 -11.72 -13.61
C ILE B 238 5.28 -12.90 -14.15
N GLY B 239 4.12 -12.63 -14.75
CA GLY B 239 3.32 -13.65 -15.43
C GLY B 239 4.14 -14.22 -16.57
N MET B 240 4.73 -13.31 -17.33
CA MET B 240 5.56 -13.71 -18.46
C MET B 240 6.84 -14.36 -18.01
N PHE B 241 7.65 -13.64 -17.17
CA PHE B 241 8.97 -14.14 -16.75
C PHE B 241 8.99 -15.44 -15.99
N ALA B 242 7.96 -15.66 -15.15
CA ALA B 242 7.90 -16.79 -14.22
C ALA B 242 8.29 -18.08 -14.86
N ASP B 243 7.66 -18.71 -15.85
CA ASP B 243 8.16 -20.00 -16.31
C ASP B 243 9.56 -20.03 -16.98
N PHE B 244 10.19 -18.89 -17.20
CA PHE B 244 11.50 -18.85 -17.85
C PHE B 244 12.68 -18.65 -16.91
N ILE B 245 12.41 -18.25 -15.66
CA ILE B 245 13.48 -17.90 -14.73
C ILE B 245 14.62 -18.92 -14.67
N ASN B 246 14.35 -20.20 -14.80
CA ASN B 246 15.42 -21.17 -14.72
C ASN B 246 16.02 -21.44 -16.08
N ASP B 247 15.72 -20.71 -17.14
CA ASP B 247 16.26 -21.03 -18.46
C ASP B 247 17.11 -19.80 -18.60
N THR B 248 18.34 -19.93 -18.16
CA THR B 248 19.30 -18.81 -18.11
C THR B 248 19.68 -18.09 -19.39
N SER B 249 19.56 -18.86 -20.45
CA SER B 249 19.69 -18.45 -21.84
C SER B 249 18.77 -17.30 -22.20
N VAL B 250 17.58 -17.31 -21.59
CA VAL B 250 16.54 -16.38 -21.91
C VAL B 250 16.68 -15.09 -21.12
N GLY B 251 16.85 -13.90 -21.68
CA GLY B 251 16.95 -12.63 -20.96
C GLY B 251 15.59 -12.17 -20.51
N LEU B 252 15.40 -11.40 -19.45
CA LEU B 252 14.04 -11.08 -19.05
C LEU B 252 14.18 -9.59 -19.00
N ILE B 253 13.41 -8.82 -19.77
CA ILE B 253 13.58 -7.39 -19.66
C ILE B 253 12.25 -6.78 -19.26
N GLY B 254 12.27 -5.98 -18.22
CA GLY B 254 11.12 -5.29 -17.71
C GLY B 254 11.36 -3.88 -18.09
N VAL B 255 10.35 -3.08 -18.37
CA VAL B 255 10.46 -1.78 -18.99
C VAL B 255 9.63 -0.92 -18.09
N GLU B 256 10.03 0.25 -17.66
CA GLU B 256 9.28 1.01 -16.73
C GLU B 256 8.97 2.31 -17.44
N PRO B 257 7.92 3.06 -17.12
CA PRO B 257 7.71 4.33 -17.74
C PRO B 257 8.82 5.32 -17.42
N GLY B 258 9.42 5.78 -18.51
CA GLY B 258 10.38 6.86 -18.46
C GLY B 258 9.69 8.22 -18.40
N GLY B 259 8.38 8.35 -18.59
CA GLY B 259 7.69 9.64 -18.45
C GLY B 259 8.16 10.70 -19.42
N HIS B 260 8.40 11.92 -18.96
CA HIS B 260 8.95 12.97 -19.80
C HIS B 260 10.45 12.75 -19.88
N GLY B 261 11.00 11.64 -19.39
CA GLY B 261 12.42 11.36 -19.41
C GLY B 261 12.90 11.39 -17.97
N ILE B 262 13.74 10.45 -17.57
CA ILE B 262 14.17 10.30 -16.18
C ILE B 262 14.65 11.58 -15.55
N GLU B 263 15.50 12.28 -16.28
CA GLU B 263 16.04 13.53 -15.82
C GLU B 263 14.99 14.58 -15.53
N THR B 264 13.75 14.49 -15.98
CA THR B 264 12.83 15.54 -15.66
C THR B 264 12.34 15.36 -14.24
N GLY B 265 12.43 14.15 -13.71
CA GLY B 265 11.77 13.85 -12.47
C GLY B 265 10.33 13.38 -12.67
N GLU B 266 9.79 13.54 -13.90
CA GLU B 266 8.42 13.15 -14.19
C GLU B 266 8.44 11.83 -14.92
N HIS B 267 8.68 10.80 -14.13
CA HIS B 267 8.81 9.47 -14.68
C HIS B 267 8.08 8.53 -13.76
N GLY B 268 8.10 7.23 -13.98
CA GLY B 268 7.46 6.32 -13.10
C GLY B 268 8.31 5.08 -13.08
N ALA B 269 9.61 5.30 -12.82
CA ALA B 269 10.58 4.21 -12.78
C ALA B 269 11.34 4.04 -11.44
N PRO B 270 10.64 3.54 -10.39
CA PRO B 270 11.17 3.24 -9.07
C PRO B 270 12.25 2.18 -9.07
N LEU B 271 12.08 1.00 -9.64
CA LEU B 271 13.14 0.02 -9.56
C LEU B 271 14.54 0.49 -10.03
N LYS B 272 14.71 1.36 -11.00
CA LYS B 272 16.06 1.76 -11.38
C LYS B 272 16.29 3.19 -10.97
N HIS B 273 15.33 4.02 -10.54
CA HIS B 273 15.58 5.39 -10.12
C HIS B 273 14.89 5.81 -8.79
N GLY B 274 14.60 4.84 -7.93
CA GLY B 274 14.07 5.08 -6.61
C GLY B 274 14.95 4.36 -5.56
N ARG B 275 14.59 4.63 -4.30
CA ARG B 275 15.27 4.19 -3.08
C ARG B 275 14.36 3.16 -2.39
N VAL B 276 14.82 2.06 -1.78
CA VAL B 276 13.90 1.17 -1.07
C VAL B 276 13.26 1.90 0.13
N GLY B 277 12.01 1.53 0.40
CA GLY B 277 11.17 2.23 1.33
C GLY B 277 10.18 1.17 1.76
N ILE B 278 9.24 1.62 2.60
CA ILE B 278 8.27 0.67 3.14
C ILE B 278 6.96 1.41 2.95
N TYR B 279 6.07 0.78 2.17
CA TYR B 279 4.74 1.34 1.87
C TYR B 279 3.95 0.29 1.10
N PHE B 280 2.65 0.38 1.31
CA PHE B 280 1.66 -0.50 0.74
C PHE B 280 1.96 -1.91 1.16
N GLY B 281 2.32 -1.99 2.44
CA GLY B 281 2.54 -3.29 3.03
C GLY B 281 3.76 -4.01 2.56
N MET B 282 4.77 -3.33 2.02
CA MET B 282 5.96 -4.02 1.51
C MET B 282 7.20 -3.16 1.57
N LYS B 283 8.33 -3.85 1.51
CA LYS B 283 9.62 -3.18 1.36
C LYS B 283 10.14 -3.45 -0.08
N ALA B 284 10.21 -2.35 -0.82
CA ALA B 284 10.49 -2.40 -2.22
C ALA B 284 10.93 -1.01 -2.70
N PRO B 285 11.67 -0.83 -3.82
CA PRO B 285 12.12 0.49 -4.34
C PRO B 285 10.94 1.43 -4.56
N MET B 286 10.98 2.69 -4.20
CA MET B 286 9.84 3.51 -4.53
C MET B 286 10.24 4.92 -4.83
N MET B 287 9.32 5.79 -5.10
CA MET B 287 9.68 7.13 -5.40
C MET B 287 9.20 7.89 -4.21
N GLN B 288 10.21 8.44 -3.58
CA GLN B 288 10.04 9.16 -2.33
C GLN B 288 10.99 10.36 -2.24
N THR B 289 10.54 11.37 -1.51
CA THR B 289 11.32 12.51 -1.13
C THR B 289 12.56 12.09 -0.33
N ALA B 290 13.57 12.95 -0.27
CA ALA B 290 14.77 12.72 0.54
C ALA B 290 14.49 12.51 2.03
N ASP B 291 13.36 13.11 2.47
CA ASP B 291 12.93 12.90 3.83
C ASP B 291 11.89 11.77 3.98
N GLY B 292 11.55 11.10 2.86
CA GLY B 292 10.73 9.89 2.84
C GLY B 292 9.25 10.03 2.62
N GLN B 293 8.81 11.13 2.02
CA GLN B 293 7.41 11.23 1.68
C GLN B 293 7.23 10.45 0.41
N ILE B 294 6.12 9.76 0.19
CA ILE B 294 5.92 9.04 -1.07
C ILE B 294 5.46 10.07 -2.13
N GLU B 295 6.39 10.20 -3.09
CA GLU B 295 6.33 11.09 -4.23
C GLU B 295 5.48 10.45 -5.32
N GLU B 296 4.66 11.17 -6.08
CA GLU B 296 3.86 10.50 -7.10
C GLU B 296 4.66 10.33 -8.38
N SER B 297 4.28 9.36 -9.21
CA SER B 297 4.96 9.13 -10.45
C SER B 297 4.27 9.78 -11.66
N TYR B 298 4.67 9.46 -12.89
CA TYR B 298 4.03 9.95 -14.10
C TYR B 298 4.23 8.97 -15.25
N SER B 299 3.21 8.88 -16.10
CA SER B 299 3.33 8.17 -17.34
C SER B 299 2.12 8.61 -18.15
N ILE B 300 2.26 8.60 -19.47
CA ILE B 300 1.12 8.91 -20.33
C ILE B 300 0.05 7.80 -20.17
N SER B 301 0.49 6.57 -19.83
CA SER B 301 -0.42 5.51 -19.55
C SER B 301 -0.73 5.31 -18.06
N ALA B 302 -2.04 5.49 -17.81
CA ALA B 302 -2.66 5.34 -16.52
C ALA B 302 -2.33 4.02 -15.82
N GLY B 303 -2.19 2.95 -16.56
CA GLY B 303 -1.91 1.67 -15.97
C GLY B 303 -0.50 1.49 -15.50
N LEU B 304 0.45 2.41 -15.75
CA LEU B 304 1.82 2.19 -15.26
C LEU B 304 2.20 3.34 -14.32
N ASP B 305 1.21 4.09 -13.88
CA ASP B 305 1.45 5.22 -13.03
C ASP B 305 1.47 4.80 -11.55
N PHE B 306 2.28 3.84 -11.14
CA PHE B 306 2.40 3.48 -9.73
C PHE B 306 3.84 3.80 -9.29
N PRO B 307 4.12 4.49 -8.15
CA PRO B 307 5.46 4.83 -7.64
C PRO B 307 6.22 3.79 -6.87
N SER B 308 5.81 2.54 -6.84
CA SER B 308 6.67 1.48 -6.33
C SER B 308 6.57 0.31 -7.32
N VAL B 309 7.13 -0.85 -7.06
CA VAL B 309 7.14 -1.95 -7.96
C VAL B 309 7.09 -3.18 -7.06
N GLY B 310 6.54 -4.31 -7.54
CA GLY B 310 6.48 -5.56 -6.87
C GLY B 310 7.83 -6.13 -6.44
N PRO B 311 7.91 -6.73 -5.24
CA PRO B 311 9.14 -7.20 -4.66
C PRO B 311 9.92 -8.24 -5.43
N GLN B 312 9.30 -9.19 -6.15
CA GLN B 312 10.08 -10.20 -6.84
C GLN B 312 10.87 -9.52 -7.95
N HIS B 313 10.50 -8.33 -8.41
CA HIS B 313 11.23 -7.64 -9.47
C HIS B 313 12.49 -6.99 -8.95
N ALA B 314 12.33 -6.22 -7.84
CA ALA B 314 13.43 -5.62 -7.10
C ALA B 314 14.45 -6.70 -6.77
N TYR B 315 14.02 -7.86 -6.35
CA TYR B 315 14.92 -8.99 -6.19
C TYR B 315 15.54 -9.53 -7.46
N LEU B 316 14.83 -9.74 -8.62
CA LEU B 316 15.43 -10.31 -9.85
C LEU B 316 16.53 -9.38 -10.45
N ASN B 317 16.36 -8.08 -10.25
CA ASN B 317 17.33 -7.09 -10.63
C ASN B 317 18.59 -7.19 -9.81
N SER B 318 18.51 -7.26 -8.46
CA SER B 318 19.68 -7.17 -7.59
C SER B 318 20.60 -8.35 -7.82
N ILE B 319 20.06 -9.55 -8.02
CA ILE B 319 20.88 -10.71 -8.37
C ILE B 319 21.26 -10.75 -9.88
N GLY B 320 20.87 -9.74 -10.69
CA GLY B 320 21.11 -9.64 -12.11
C GLY B 320 20.51 -10.75 -12.98
N ARG B 321 19.33 -11.31 -12.65
CA ARG B 321 18.71 -12.29 -13.54
C ARG B 321 17.83 -11.58 -14.56
N ALA B 322 17.42 -10.33 -14.32
CA ALA B 322 16.52 -9.60 -15.15
C ALA B 322 17.04 -8.18 -15.31
N ASP B 323 16.85 -7.52 -16.45
CA ASP B 323 17.30 -6.16 -16.61
C ASP B 323 16.10 -5.33 -16.75
N TYR B 324 16.13 -4.13 -16.25
CA TYR B 324 14.98 -3.27 -16.29
C TYR B 324 15.48 -2.03 -17.01
N VAL B 325 14.62 -1.46 -17.87
CA VAL B 325 15.03 -0.42 -18.79
C VAL B 325 13.92 0.58 -18.74
N SER B 326 13.99 1.72 -19.40
CA SER B 326 12.99 2.77 -19.29
C SER B 326 12.57 3.18 -20.70
N ILE B 327 11.39 3.79 -20.93
CA ILE B 327 10.92 4.19 -22.26
C ILE B 327 10.05 5.37 -22.02
N THR B 328 10.44 6.47 -22.58
CA THR B 328 9.71 7.71 -22.59
C THR B 328 8.30 7.67 -23.20
N ASP B 329 7.43 8.63 -22.87
CA ASP B 329 6.10 8.78 -23.44
C ASP B 329 6.10 8.68 -24.97
N ASP B 330 6.93 9.55 -25.57
CA ASP B 330 7.16 9.63 -27.00
C ASP B 330 7.65 8.37 -27.66
N GLU B 331 8.46 7.54 -27.04
CA GLU B 331 8.88 6.32 -27.70
C GLU B 331 7.74 5.33 -27.57
N ALA B 332 6.86 5.44 -26.56
CA ALA B 332 5.77 4.50 -26.46
C ALA B 332 4.75 4.85 -27.56
N LEU B 333 4.41 6.14 -27.68
CA LEU B 333 3.51 6.69 -28.70
C LEU B 333 3.93 6.32 -30.10
N GLU B 334 5.23 6.39 -30.42
CA GLU B 334 5.80 6.00 -31.70
C GLU B 334 5.58 4.52 -31.88
N ALA B 335 5.92 3.62 -30.94
CA ALA B 335 5.62 2.21 -31.14
C ALA B 335 4.12 1.95 -31.16
N PHE B 336 3.22 2.78 -30.60
CA PHE B 336 1.76 2.52 -30.73
C PHE B 336 1.36 2.69 -32.23
N LYS B 337 1.71 3.86 -32.80
CA LYS B 337 1.51 4.21 -34.19
C LYS B 337 2.06 3.13 -35.08
N THR B 338 3.31 2.79 -34.93
CA THR B 338 3.90 1.78 -35.78
C THR B 338 3.28 0.41 -35.68
N LEU B 339 2.70 -0.03 -34.56
CA LEU B 339 2.20 -1.40 -34.56
C LEU B 339 0.87 -1.38 -35.33
N CYS B 340 0.05 -0.33 -35.22
CA CYS B 340 -1.23 -0.19 -35.92
C CYS B 340 -1.03 -0.28 -37.43
N ARG B 341 -0.18 0.65 -37.87
CA ARG B 341 0.13 0.88 -39.26
C ARG B 341 0.86 -0.26 -39.83
N HIS B 342 1.66 -1.10 -39.17
CA HIS B 342 2.26 -2.15 -39.97
C HIS B 342 1.79 -3.51 -39.70
N GLU B 343 1.02 -3.65 -38.61
CA GLU B 343 0.55 -4.99 -38.27
C GLU B 343 -0.94 -5.03 -37.96
N GLY B 344 -1.67 -3.91 -37.93
CA GLY B 344 -3.10 -3.94 -37.62
C GLY B 344 -3.50 -4.42 -36.20
N ILE B 345 -2.70 -4.12 -35.17
CA ILE B 345 -3.00 -4.46 -33.78
C ILE B 345 -2.92 -3.12 -33.06
N ILE B 346 -3.91 -2.66 -32.31
CA ILE B 346 -3.81 -1.40 -31.59
C ILE B 346 -3.47 -1.81 -30.15
N PRO B 347 -2.27 -1.49 -29.66
CA PRO B 347 -1.81 -1.96 -28.37
C PRO B 347 -2.23 -0.95 -27.33
N ALA B 348 -2.36 -1.40 -26.07
CA ALA B 348 -2.58 -0.46 -24.96
C ALA B 348 -1.30 0.35 -24.79
N LEU B 349 -1.33 1.64 -24.48
CA LEU B 349 -0.12 2.40 -24.23
C LEU B 349 0.85 1.85 -23.18
N GLU B 350 0.44 0.97 -22.27
CA GLU B 350 1.34 0.36 -21.32
C GLU B 350 2.18 -0.63 -22.10
N SER B 351 1.57 -1.54 -22.88
CA SER B 351 2.28 -2.55 -23.63
C SER B 351 3.21 -1.96 -24.72
N SER B 352 2.91 -0.76 -25.20
CA SER B 352 3.72 -0.04 -26.16
C SER B 352 5.08 0.26 -25.59
N HIS B 353 5.19 0.43 -24.26
CA HIS B 353 6.50 0.65 -23.64
C HIS B 353 7.29 -0.60 -23.82
N ALA B 354 6.73 -1.78 -23.76
CA ALA B 354 7.60 -2.95 -23.95
C ALA B 354 8.06 -3.17 -25.40
N LEU B 355 7.13 -2.77 -26.30
CA LEU B 355 7.34 -2.84 -27.75
C LEU B 355 8.36 -1.80 -28.17
N ALA B 356 8.31 -0.55 -27.69
CA ALA B 356 9.28 0.44 -28.07
C ALA B 356 10.70 0.02 -27.67
N HIS B 357 10.86 -0.70 -26.54
CA HIS B 357 12.15 -1.23 -26.18
C HIS B 357 12.56 -2.35 -27.14
N ALA B 358 11.73 -3.31 -27.54
CA ALA B 358 12.14 -4.30 -28.54
C ALA B 358 12.47 -3.66 -29.91
N LEU B 359 11.81 -2.57 -30.35
CA LEU B 359 12.12 -1.87 -31.58
C LEU B 359 13.48 -1.21 -31.50
N LYS B 360 13.82 -0.55 -30.39
CA LYS B 360 15.14 -0.03 -30.08
C LYS B 360 16.20 -1.11 -30.22
N MET B 361 16.03 -2.24 -29.59
CA MET B 361 16.98 -3.32 -29.76
C MET B 361 17.32 -3.81 -31.13
N MET B 362 16.26 -3.90 -31.93
CA MET B 362 16.26 -4.24 -33.35
C MET B 362 16.90 -3.10 -34.18
N ARG B 363 16.50 -1.86 -33.94
CA ARG B 363 17.06 -0.76 -34.69
C ARG B 363 18.53 -0.43 -34.44
N GLU B 364 19.01 -0.51 -33.20
CA GLU B 364 20.38 -0.20 -32.85
C GLU B 364 21.36 -1.20 -33.41
N GLN B 365 20.93 -2.46 -33.50
CA GLN B 365 21.81 -3.47 -33.99
C GLN B 365 21.12 -4.36 -35.02
N PRO B 366 20.77 -3.84 -36.23
CA PRO B 366 20.15 -4.57 -37.34
C PRO B 366 20.78 -5.85 -37.80
N GLU B 367 22.05 -6.16 -37.61
CA GLU B 367 22.59 -7.43 -38.06
C GLU B 367 22.65 -8.44 -36.94
N LYS B 368 22.11 -8.07 -35.79
CA LYS B 368 22.10 -9.05 -34.71
C LYS B 368 20.90 -9.94 -34.88
N GLU B 369 21.22 -11.21 -35.04
CA GLU B 369 20.19 -12.18 -35.17
C GLU B 369 19.54 -12.39 -33.78
N GLN B 370 18.28 -12.05 -33.54
CA GLN B 370 17.70 -12.28 -32.24
C GLN B 370 16.20 -12.59 -32.21
N LEU B 371 15.83 -13.68 -31.50
CA LEU B 371 14.43 -14.07 -31.38
C LEU B 371 13.82 -13.42 -30.15
N LEU B 372 12.99 -12.41 -30.23
CA LEU B 372 12.41 -11.76 -29.09
C LEU B 372 10.94 -12.14 -28.87
N VAL B 373 10.28 -11.90 -27.71
CA VAL B 373 8.82 -12.06 -27.51
C VAL B 373 8.41 -10.85 -26.68
N VAL B 374 7.52 -9.96 -27.10
CA VAL B 374 7.01 -8.91 -26.25
C VAL B 374 5.69 -9.41 -25.68
N ASN B 375 5.25 -9.01 -24.48
CA ASN B 375 3.95 -9.42 -23.94
C ASN B 375 3.00 -8.29 -24.27
N LEU B 376 2.02 -8.51 -25.15
CA LEU B 376 1.17 -7.41 -25.55
C LEU B 376 0.04 -7.63 -24.59
N SER B 377 0.16 -6.85 -23.52
CA SER B 377 -0.63 -7.12 -22.36
C SER B 377 -2.04 -6.60 -22.47
N GLY B 378 -2.29 -5.56 -23.26
CA GLY B 378 -3.65 -5.14 -23.47
C GLY B 378 -3.89 -4.53 -24.85
N ARG B 379 -5.16 -4.31 -25.17
CA ARG B 379 -5.57 -3.63 -26.39
C ARG B 379 -5.73 -2.17 -26.06
N GLY B 380 -5.73 -1.31 -27.07
CA GLY B 380 -5.64 0.14 -26.90
C GLY B 380 -6.89 0.92 -27.14
N ASP B 381 -7.99 0.21 -27.02
CA ASP B 381 -9.30 0.81 -27.19
C ASP B 381 -9.56 1.87 -26.12
N LYS B 382 -9.24 1.65 -24.86
CA LYS B 382 -9.29 2.72 -23.83
C LYS B 382 -8.42 3.95 -24.17
N ASP B 383 -7.36 3.71 -24.92
CA ASP B 383 -6.41 4.75 -25.24
C ASP B 383 -6.72 5.55 -26.49
N ILE B 384 -7.52 5.11 -27.48
CA ILE B 384 -7.69 5.87 -28.73
C ILE B 384 -8.21 7.29 -28.57
N PHE B 385 -9.01 7.63 -27.57
CA PHE B 385 -9.49 8.99 -27.47
C PHE B 385 -8.30 9.89 -27.10
N THR B 386 -7.57 9.44 -26.08
CA THR B 386 -6.35 10.05 -25.56
C THR B 386 -5.24 10.24 -26.62
N VAL B 387 -4.88 9.21 -27.39
CA VAL B 387 -3.85 9.30 -28.42
C VAL B 387 -4.32 10.23 -29.54
N HIS B 388 -5.62 10.31 -29.81
CA HIS B 388 -6.10 11.22 -30.82
C HIS B 388 -5.95 12.63 -30.31
N ASP B 389 -6.03 12.91 -29.02
CA ASP B 389 -5.93 14.28 -28.58
C ASP B 389 -4.50 14.78 -28.47
N ILE B 390 -3.59 13.98 -28.98
CA ILE B 390 -2.20 14.33 -29.16
C ILE B 390 -2.09 14.39 -30.70
N LEU B 391 -2.41 15.62 -31.13
CA LEU B 391 -2.27 16.08 -32.52
C LEU B 391 -1.93 17.59 -32.50
N1 IPL C . -3.70 7.69 14.12
C2 IPL C . -3.96 8.25 15.40
C3 IPL C . -3.92 7.26 16.29
C4 IPL C . -3.41 4.68 15.96
C5 IPL C . -3.10 3.74 14.90
C6 IPL C . -3.01 4.14 13.57
C7 IPL C . -3.21 5.48 13.21
C8 IPL C . -3.50 6.40 14.23
C9 IPL C . -3.61 6.05 15.59
C1' IPL C . -6.94 7.21 17.58
C2' IPL C . -5.60 7.64 18.10
C3' IPL C . -4.13 7.40 17.79
P IPL C . -9.18 8.49 17.05
O1P IPL C . -9.28 9.50 15.98
O2P IPL C . -9.45 9.10 18.49
O3P IPL C . -10.08 7.29 16.93
O4P IPL C . -7.70 8.08 17.02
NA NA D . 5.71 1.32 -10.76
N PLS E . -3.29 -2.13 -14.45
CA PLS E . -3.97 -1.53 -13.28
CB PLS E . -3.33 -0.35 -12.72
OG PLS E . -3.69 1.00 -13.16
C PLS E . -5.51 -1.19 -13.48
O PLS E . -6.00 -0.85 -14.56
OXT PLS E . -6.19 -1.03 -12.56
N1 PLS E . -1.00 -3.67 -18.86
C2 PLS E . -2.25 -3.14 -18.93
C2A PLS E . -3.18 -3.48 -20.12
C3 PLS E . -2.69 -2.28 -17.85
O3 PLS E . -3.77 -1.44 -17.92
C4 PLS E . -1.81 -2.12 -16.69
C4A PLS E . -2.39 -1.59 -15.38
C5 PLS E . -0.56 -2.70 -16.70
C6 PLS E . -0.18 -3.52 -17.83
C5A PLS E . 0.45 -2.46 -15.56
O4P PLS E . 0.48 -3.45 -14.59
P PLS E . 1.19 -4.62 -14.42
O1P PLS E . 0.80 -5.02 -13.37
O2P PLS E . 2.56 -4.06 -14.09
O3P PLS E . 1.38 -5.87 -15.05
#